data_5WBL
#
_entry.id   5WBL
#
_cell.length_a   89.100
_cell.length_b   113.100
_cell.length_c   151.800
_cell.angle_alpha   90.00
_cell.angle_beta   90.00
_cell.angle_gamma   90.00
#
_symmetry.space_group_name_H-M   'P 21 21 21'
#
loop_
_entity.id
_entity.type
_entity.pdbx_description
1 polymer 'Regulatory-associated protein of TOR 1'
2 polymer 'Proline-rich AKT1 substrate 1'
#
loop_
_entity_poly.entity_id
_entity_poly.type
_entity_poly.pdbx_seq_one_letter_code
_entity_poly.pdbx_strand_id
1 'polypeptide(L)'
;SVDMALGDLMVSRFSQSSVSLVSNHRYDEDCVSSHDDGDSRRKDSEAKSSSSYGNGTTEGAATATSMAYLPQTIVLCELR
HDASEASAPLGTSEIVLVPKWRLKERMKTGCVALVLCLNITVDPPDVIKISPCARIEAWIDPFSMAPPKALETIGKNLST
QYERWQPRARYKVQLDPTVDEVRKLCLTCRKYAKTERVLFHYNGHGVPKPTANGEIWVFNKSYTQYIPLPISELDSWLKT
PSIYVFDCSAARMILNAFAELHDWGSSGSSGSSRDCILLAACDVHETLPQSVEFPADVFTSCLTTPIKMALKWFCRRSLL
KEIIDESLIDRIPGRQNDRKTLLGELNWIFTAVTDTIAWNVLPHELFQRLFRQDLLVASLFRNFLLAERIMRSANCNPIS
HPMLPPTHQHHMWDAWDMAAEICLSQLPQLVLDPSTEFQPSPFFTEQLTAFEVWLDHGSEHKKPPEQLPIVLQVLLSQCH
RFRALVLLGRFLDMGSWAVDLALSVGIFPYVLKLLQTTTNELRQILVFIWTKILALDKSCQIDLVKDGGHTYFIRFLDSS
GAFPEQRAMAAFVLAVIVDGHRRGQEACLEANLIGVCLGHLEASRPSDPQPEPLFLQWLCLCLGKLWEDFMEAQIMGREA
NAFEKLAPLLSEPQPEVRAAAVFALGTLLDIGFDSNKSVVEDEFDDDEKIRAEDAIIKSLLDVVSDGSPLVRAEVAVALA
RFAFGHKQHLKLAAASYWKPQSSSLLTSLPSIAKFHDPGSATIVSLHMSPLTRASTDSQPVARESRISSSPLGSSGLMQG
SPLSDDSSLHSDSGMMHDSVSNGAVHQPRLLDNAVYSQCVRAMFALAKDPSPRIASLGRRVLSIIGIEQVVAKPSKPTGR
PGEAADSGLADPLLGASGSERSLLPLSTIYGWSCGHFSKPLLGGADASQEIAAKREEKEKFALEHIAKCQHSSISKLNNN
PIANWDTRFETGTKTALLHPFSPIVVAADENERIRVWNYEEATLLNGFDNHDFPDKGISKLCLINELDDSLLLVASCDGS
VRIWKNYATKGKQKLVTGFSSIQGHKPGARDLNAVVDWQQQSGYLYASGETSTVTLWDLEKEQLVRSVPSESECGVTALS
ASQVHGGQLAAGFADGSLRLYDVRSPEPLVCATRPHQKVERVVGLSFQPGLDPAKVVSASQAGDIQFLDLRTTRDTYLTI
DAHRGSLTALAVHRHAPIIASGSAKQLIKVFSLQGEQLGIIRYYPSFMAQKIGSVSCLTFHPYQVLLAAGAADSFVSIYT
HDNSQAR
;
A
2 'polypeptide(L)' DNGGLFVMDEDATLQD T
#
# COMPACT_ATOMS: atom_id res chain seq x y z
N ALA A 64 39.50 9.18 -9.75
CA ALA A 64 40.27 9.97 -10.77
C ALA A 64 39.35 10.93 -11.56
N THR A 65 39.93 11.67 -12.51
CA THR A 65 39.19 12.61 -13.39
C THR A 65 38.09 11.93 -14.23
N SER A 66 38.29 10.65 -14.53
CA SER A 66 37.32 9.85 -15.31
C SER A 66 35.95 9.59 -14.65
N MET A 67 35.69 10.19 -13.48
CA MET A 67 34.33 10.26 -12.92
C MET A 67 33.42 11.28 -13.62
N ALA A 68 33.98 12.10 -14.50
CA ALA A 68 33.20 12.88 -15.46
C ALA A 68 32.57 11.97 -16.51
N TYR A 69 33.31 10.95 -16.95
CA TYR A 69 32.77 9.94 -17.87
C TYR A 69 31.69 9.00 -17.28
N LEU A 70 31.47 9.08 -15.96
CA LEU A 70 30.84 7.98 -15.19
C LEU A 70 29.86 8.57 -14.17
N PRO A 71 28.80 9.25 -14.66
CA PRO A 71 27.92 10.03 -13.80
C PRO A 71 27.04 9.19 -12.88
N GLN A 72 26.95 9.58 -11.61
CA GLN A 72 26.13 8.85 -10.64
C GLN A 72 24.63 9.17 -10.68
N THR A 73 24.23 10.19 -11.46
CA THR A 73 22.83 10.58 -11.57
C THR A 73 22.01 9.46 -12.22
N ILE A 74 20.94 9.06 -11.54
CA ILE A 74 19.91 8.16 -12.09
C ILE A 74 18.64 8.99 -12.19
N VAL A 75 17.85 8.71 -13.22
CA VAL A 75 16.71 9.56 -13.59
C VAL A 75 15.55 8.70 -14.11
N LEU A 76 14.32 9.13 -13.78
CA LEU A 76 13.08 8.41 -14.09
C LEU A 76 13.01 6.97 -13.57
N CYS A 77 13.65 6.71 -12.42
CA CYS A 77 13.62 5.39 -11.78
C CYS A 77 13.00 5.50 -10.38
N GLU A 78 11.95 6.33 -10.30
CA GLU A 78 11.16 6.57 -9.08
C GLU A 78 9.83 5.80 -9.13
N LEU A 79 9.10 5.82 -8.01
CA LEU A 79 7.85 5.04 -7.87
C LEU A 79 6.70 5.48 -8.79
N ARG A 80 6.65 6.76 -9.16
CA ARG A 80 5.69 7.24 -10.17
C ARG A 80 5.93 6.72 -11.60
N HIS A 81 6.98 5.91 -11.78
CA HIS A 81 7.38 5.34 -13.07
C HIS A 81 7.37 3.79 -13.05
N ASP A 82 6.54 3.19 -12.17
CA ASP A 82 6.65 1.73 -11.87
C ASP A 82 6.27 0.81 -13.05
N ALA A 83 6.58 -0.48 -12.92
CA ALA A 83 6.73 -1.40 -14.06
C ALA A 83 5.73 -2.59 -14.17
N SER A 84 6.22 -3.83 -14.04
CA SER A 84 5.59 -5.00 -14.67
C SER A 84 4.20 -5.36 -14.13
N GLU A 85 4.15 -5.70 -12.85
CA GLU A 85 2.89 -6.10 -12.19
C GLU A 85 2.24 -4.94 -11.40
N ALA A 86 2.49 -3.71 -11.83
CA ALA A 86 1.76 -2.55 -11.36
C ALA A 86 1.70 -1.48 -12.45
N SER A 87 0.53 -1.35 -13.07
CA SER A 87 0.14 -0.14 -13.84
C SER A 87 -0.35 0.98 -12.90
N ALA A 88 -0.37 0.69 -11.59
CA ALA A 88 -0.45 1.66 -10.48
C ALA A 88 0.08 3.09 -10.75
N PRO A 89 1.37 3.23 -11.15
CA PRO A 89 2.01 4.53 -11.40
C PRO A 89 1.04 5.72 -11.50
N LEU A 90 0.17 5.72 -12.52
CA LEU A 90 -1.07 6.52 -12.53
C LEU A 90 -1.82 6.49 -13.84
N GLY A 91 -3.10 6.84 -13.73
CA GLY A 91 -4.07 6.63 -14.78
C GLY A 91 -5.10 5.65 -14.25
N THR A 92 -4.61 4.52 -13.74
CA THR A 92 -5.47 3.51 -13.13
C THR A 92 -5.97 4.00 -11.76
N SER A 93 -7.19 3.59 -11.41
CA SER A 93 -7.79 3.92 -10.13
C SER A 93 -7.17 3.05 -9.06
N GLU A 94 -7.33 3.44 -7.79
CA GLU A 94 -6.68 2.71 -6.70
C GLU A 94 -7.33 1.35 -6.41
N ILE A 95 -6.53 0.45 -5.86
CA ILE A 95 -6.90 -0.92 -5.57
C ILE A 95 -7.97 -0.96 -4.48
N VAL A 96 -9.19 -1.31 -4.87
CA VAL A 96 -10.33 -1.40 -3.92
C VAL A 96 -10.22 -2.71 -3.13
N LEU A 97 -10.62 -2.66 -1.85
CA LEU A 97 -10.57 -3.82 -0.94
C LEU A 97 -11.97 -4.29 -0.58
N VAL A 98 -12.05 -5.49 0.00
CA VAL A 98 -13.31 -6.06 0.51
C VAL A 98 -13.03 -6.69 1.89
N PRO A 99 -13.46 -6.03 3.00
CA PRO A 99 -13.10 -6.54 4.34
C PRO A 99 -13.83 -7.81 4.78
N LYS A 100 -13.20 -8.54 5.72
CA LYS A 100 -13.72 -9.79 6.27
C LYS A 100 -13.87 -9.82 7.81
N TRP A 101 -13.54 -8.73 8.50
CA TRP A 101 -13.60 -8.65 9.98
C TRP A 101 -14.92 -8.02 10.47
N ARG A 102 -15.98 -8.15 9.67
CA ARG A 102 -17.20 -7.36 9.83
C ARG A 102 -18.38 -8.22 10.33
N LEU A 103 -18.58 -8.19 11.65
CA LEU A 103 -19.83 -8.66 12.28
C LEU A 103 -20.34 -7.57 13.22
N LYS A 104 -21.27 -6.75 12.70
CA LYS A 104 -21.87 -5.61 13.43
C LYS A 104 -22.67 -6.07 14.65
N GLU A 105 -23.29 -7.25 14.55
CA GLU A 105 -24.19 -7.75 15.59
C GLU A 105 -23.42 -8.17 16.84
N ARG A 106 -23.11 -7.20 17.70
CA ARG A 106 -22.66 -7.47 19.06
C ARG A 106 -23.87 -8.06 19.79
N MET A 107 -23.95 -9.38 19.83
CA MET A 107 -25.13 -10.08 20.36
C MET A 107 -25.20 -10.01 21.89
N LYS A 108 -26.42 -9.98 22.41
CA LYS A 108 -26.67 -9.93 23.85
C LYS A 108 -27.44 -11.17 24.28
N THR A 109 -26.97 -11.83 25.35
CA THR A 109 -27.78 -12.83 26.04
C THR A 109 -28.65 -12.13 27.09
N GLY A 110 -29.92 -11.94 26.74
CA GLY A 110 -30.87 -11.19 27.57
C GLY A 110 -31.59 -11.96 28.66
N CYS A 111 -31.67 -13.28 28.52
CA CYS A 111 -32.38 -14.11 29.49
C CYS A 111 -31.60 -15.37 29.80
N VAL A 112 -31.64 -15.81 31.06
CA VAL A 112 -30.93 -17.01 31.52
C VAL A 112 -31.86 -17.90 32.33
N ALA A 113 -31.88 -19.19 31.99
CA ALA A 113 -32.83 -20.14 32.54
C ALA A 113 -32.10 -21.27 33.24
N LEU A 114 -31.86 -21.09 34.54
CA LEU A 114 -31.14 -22.09 35.33
C LEU A 114 -32.10 -23.18 35.82
N VAL A 115 -31.94 -24.40 35.31
CA VAL A 115 -32.69 -25.58 35.77
C VAL A 115 -31.75 -26.40 36.67
N LEU A 116 -32.31 -26.94 37.75
CA LEU A 116 -31.54 -27.67 38.76
C LEU A 116 -32.27 -28.95 39.20
N CYS A 117 -31.94 -30.07 38.55
CA CYS A 117 -32.50 -31.38 38.90
C CYS A 117 -31.56 -32.16 39.82
N LEU A 118 -31.61 -31.83 41.11
CA LEU A 118 -30.88 -32.55 42.15
C LEU A 118 -31.83 -32.87 43.29
N ASN A 119 -32.35 -34.09 43.26
CA ASN A 119 -33.11 -34.67 44.36
C ASN A 119 -32.10 -35.00 45.47
N ILE A 120 -32.20 -34.32 46.63
CA ILE A 120 -31.16 -34.39 47.67
C ILE A 120 -31.40 -35.56 48.66
N THR A 121 -30.32 -36.32 48.90
CA THR A 121 -30.35 -37.63 49.59
C THR A 121 -31.15 -38.66 48.79
N VAL A 122 -31.17 -38.50 47.47
CA VAL A 122 -31.88 -39.41 46.57
C VAL A 122 -31.04 -39.60 45.31
N ASP A 123 -30.03 -40.47 45.44
CA ASP A 123 -29.22 -40.90 44.31
C ASP A 123 -30.12 -41.59 43.28
N PRO A 124 -29.97 -41.24 41.99
CA PRO A 124 -30.68 -41.99 40.95
C PRO A 124 -29.96 -43.34 40.73
N PRO A 125 -30.64 -44.32 40.10
CA PRO A 125 -30.10 -45.68 40.03
C PRO A 125 -28.97 -45.91 39.00
N ASP A 126 -28.11 -44.90 38.79
CA ASP A 126 -26.93 -44.99 37.93
C ASP A 126 -25.64 -44.78 38.79
N VAL A 127 -25.62 -45.39 39.99
CA VAL A 127 -24.51 -45.25 40.97
C VAL A 127 -24.22 -46.62 41.62
N CYS A 133 -17.46 -40.19 47.90
CA CYS A 133 -18.45 -39.45 47.12
C CYS A 133 -18.29 -37.94 47.28
N ALA A 134 -18.27 -37.22 46.16
CA ALA A 134 -18.28 -35.75 46.15
C ALA A 134 -19.70 -35.26 45.89
N ARG A 135 -20.17 -34.27 46.63
CA ARG A 135 -21.49 -33.67 46.37
C ARG A 135 -21.59 -32.20 46.79
N ILE A 136 -20.52 -31.42 46.57
CA ILE A 136 -20.58 -29.96 46.71
C ILE A 136 -21.22 -29.45 45.43
N GLU A 137 -22.03 -28.40 45.53
CA GLU A 137 -22.67 -27.79 44.35
C GLU A 137 -22.90 -26.31 44.50
N ALA A 138 -22.35 -25.53 43.56
CA ALA A 138 -22.30 -24.06 43.64
C ALA A 138 -21.57 -23.61 44.91
N TRP A 139 -20.53 -24.37 45.27
CA TRP A 139 -19.75 -24.17 46.50
C TRP A 139 -20.57 -24.15 47.80
N ILE A 140 -21.59 -25.02 47.85
CA ILE A 140 -22.44 -25.19 49.02
C ILE A 140 -22.53 -26.69 49.33
N ASP A 141 -22.40 -27.04 50.60
CA ASP A 141 -22.67 -28.41 51.05
C ASP A 141 -24.19 -28.53 51.16
N PRO A 142 -24.83 -29.33 50.29
CA PRO A 142 -26.29 -29.46 50.34
C PRO A 142 -26.79 -30.31 51.51
N PHE A 143 -25.90 -31.09 52.11
CA PHE A 143 -26.19 -31.85 53.33
C PHE A 143 -25.98 -31.05 54.63
N SER A 144 -25.39 -29.86 54.55
CA SER A 144 -25.23 -29.00 55.73
C SER A 144 -26.51 -28.27 56.14
N MET A 145 -27.39 -28.00 55.17
CA MET A 145 -28.54 -27.10 55.35
C MET A 145 -29.92 -27.74 55.54
N ALA A 146 -30.04 -29.03 55.24
CA ALA A 146 -31.33 -29.72 54.98
C ALA A 146 -31.80 -29.42 53.55
N PRO A 147 -32.36 -30.44 52.85
CA PRO A 147 -32.72 -30.38 51.42
C PRO A 147 -33.41 -29.12 50.84
N PRO A 148 -34.48 -28.60 51.48
CA PRO A 148 -35.17 -27.45 50.85
C PRO A 148 -34.40 -26.12 50.93
N LYS A 149 -33.78 -25.84 52.08
CA LYS A 149 -32.92 -24.64 52.24
C LYS A 149 -31.64 -24.76 51.41
N ALA A 150 -31.06 -25.96 51.42
CA ALA A 150 -29.91 -26.29 50.56
C ALA A 150 -30.19 -25.87 49.13
N LEU A 151 -31.30 -26.36 48.59
CA LEU A 151 -31.66 -26.15 47.19
C LEU A 151 -32.04 -24.70 46.87
N GLU A 152 -32.58 -23.96 47.85
CA GLU A 152 -32.84 -22.51 47.70
C GLU A 152 -31.55 -21.75 47.45
N THR A 153 -30.57 -21.98 48.32
CA THR A 153 -29.29 -21.29 48.31
C THR A 153 -28.45 -21.60 47.06
N ILE A 154 -28.43 -22.89 46.67
CA ILE A 154 -27.74 -23.33 45.46
C ILE A 154 -28.35 -22.61 44.26
N GLY A 155 -29.67 -22.58 44.23
CA GLY A 155 -30.43 -21.80 43.25
C GLY A 155 -29.96 -20.37 43.15
N LYS A 156 -29.87 -19.70 44.31
CA LYS A 156 -29.40 -18.31 44.36
C LYS A 156 -27.92 -18.22 43.99
N ASN A 157 -27.06 -18.94 44.72
CA ASN A 157 -25.61 -18.93 44.48
C ASN A 157 -25.28 -19.04 43.00
N LEU A 158 -25.77 -20.10 42.39
CA LEU A 158 -25.50 -20.36 40.98
C LEU A 158 -26.00 -19.26 40.05
N SER A 159 -27.08 -18.57 40.45
CA SER A 159 -27.51 -17.37 39.73
C SER A 159 -26.45 -16.28 39.87
N THR A 160 -26.08 -15.93 41.10
CA THR A 160 -25.02 -14.95 41.36
C THR A 160 -23.74 -15.28 40.64
N GLN A 161 -23.39 -16.57 40.62
CA GLN A 161 -22.16 -17.04 39.96
C GLN A 161 -22.13 -16.70 38.46
N TYR A 162 -23.21 -17.01 37.74
CA TYR A 162 -23.39 -16.59 36.33
C TYR A 162 -23.53 -15.08 36.22
N GLU A 163 -24.48 -14.53 36.99
CA GLU A 163 -24.79 -13.09 37.05
C GLU A 163 -23.57 -12.16 36.95
N ARG A 164 -22.44 -12.56 37.56
CA ARG A 164 -21.21 -11.77 37.49
C ARG A 164 -20.65 -11.56 36.06
N TRP A 165 -20.96 -12.47 35.13
CA TRP A 165 -20.50 -12.38 33.75
C TRP A 165 -21.39 -11.51 32.87
N GLN A 166 -22.71 -11.66 32.98
CA GLN A 166 -23.69 -10.83 32.23
C GLN A 166 -24.73 -10.26 33.21
N PRO A 167 -24.32 -9.24 33.98
CA PRO A 167 -25.19 -8.71 35.03
C PRO A 167 -26.41 -7.95 34.51
N ARG A 168 -26.36 -7.48 33.26
CA ARG A 168 -27.55 -6.88 32.62
C ARG A 168 -28.28 -7.92 31.77
N ALA A 169 -28.91 -8.85 32.49
CA ALA A 169 -29.78 -9.88 31.90
C ALA A 169 -30.64 -10.47 33.02
N ARG A 170 -31.79 -11.04 32.66
CA ARG A 170 -32.71 -11.61 33.65
C ARG A 170 -32.44 -13.11 33.85
N TYR A 171 -32.34 -13.49 35.12
CA TYR A 171 -32.05 -14.87 35.53
C TYR A 171 -33.27 -15.42 36.25
N LYS A 172 -33.80 -16.52 35.71
CA LYS A 172 -34.92 -17.22 36.31
C LYS A 172 -34.45 -18.63 36.66
N VAL A 173 -34.85 -19.10 37.84
CA VAL A 173 -34.38 -20.36 38.40
C VAL A 173 -35.54 -21.37 38.51
N GLN A 174 -35.22 -22.65 38.34
CA GLN A 174 -36.19 -23.74 38.49
C GLN A 174 -35.55 -24.91 39.24
N LEU A 175 -36.08 -25.20 40.43
CA LEU A 175 -35.54 -26.21 41.34
C LEU A 175 -36.38 -27.50 41.31
N ASP A 176 -35.78 -28.59 40.83
CA ASP A 176 -36.44 -29.91 40.74
C ASP A 176 -37.85 -29.78 40.11
N PRO A 177 -37.91 -29.39 38.82
CA PRO A 177 -39.18 -29.02 38.20
C PRO A 177 -39.94 -30.15 37.51
N THR A 178 -41.20 -29.85 37.16
CA THR A 178 -42.01 -30.68 36.27
C THR A 178 -41.64 -30.31 34.84
N VAL A 179 -42.04 -31.14 33.88
CA VAL A 179 -41.87 -30.83 32.46
C VAL A 179 -42.71 -29.60 32.08
N ASP A 180 -43.89 -29.44 32.69
CA ASP A 180 -44.70 -28.21 32.52
C ASP A 180 -43.98 -26.96 33.02
N GLU A 181 -43.31 -27.08 34.17
CA GLU A 181 -42.57 -25.97 34.75
C GLU A 181 -41.42 -25.54 33.85
N VAL A 182 -40.75 -26.53 33.25
CA VAL A 182 -39.67 -26.28 32.28
C VAL A 182 -40.20 -25.74 30.95
N ARG A 183 -41.41 -26.15 30.57
CA ARG A 183 -42.05 -25.61 29.36
C ARG A 183 -42.25 -24.11 29.48
N LYS A 184 -42.97 -23.69 30.52
CA LYS A 184 -43.25 -22.27 30.75
C LYS A 184 -41.97 -21.43 30.95
N LEU A 185 -41.04 -21.95 31.76
CA LEU A 185 -39.75 -21.29 31.96
C LEU A 185 -39.16 -20.95 30.61
N CYS A 186 -39.04 -21.97 29.75
CA CYS A 186 -38.49 -21.80 28.40
C CYS A 186 -39.33 -20.90 27.51
N LEU A 187 -40.64 -21.11 27.51
CA LEU A 187 -41.54 -20.28 26.71
C LEU A 187 -41.46 -18.80 27.09
N THR A 188 -41.43 -18.50 28.40
CA THR A 188 -41.35 -17.11 28.87
C THR A 188 -40.01 -16.43 28.53
N CYS A 189 -38.92 -17.20 28.64
CA CYS A 189 -37.57 -16.73 28.30
C CYS A 189 -37.41 -16.33 26.85
N ARG A 190 -38.01 -17.13 25.96
CA ARG A 190 -38.06 -16.82 24.52
C ARG A 190 -38.89 -15.56 24.27
N LYS A 191 -40.02 -15.44 24.97
CA LYS A 191 -40.87 -14.25 24.89
C LYS A 191 -40.20 -13.01 25.48
N TYR A 192 -39.37 -13.20 26.50
CA TYR A 192 -38.60 -12.11 27.10
C TYR A 192 -37.55 -11.57 26.12
N ALA A 193 -36.60 -12.42 25.75
CA ALA A 193 -35.48 -12.03 24.89
C ALA A 193 -35.80 -12.38 23.43
N LYS A 194 -36.68 -11.59 22.83
CA LYS A 194 -37.16 -11.83 21.46
C LYS A 194 -36.07 -12.30 20.47
N THR A 195 -35.20 -11.39 20.06
CA THR A 195 -34.03 -11.73 19.23
C THR A 195 -32.82 -12.07 20.08
N GLU A 196 -32.77 -11.49 21.28
CA GLU A 196 -31.63 -11.69 22.18
C GLU A 196 -31.48 -13.17 22.60
N ARG A 197 -30.24 -13.59 22.81
CA ARG A 197 -29.93 -15.00 23.10
C ARG A 197 -30.48 -15.42 24.46
N VAL A 198 -30.86 -16.69 24.58
CA VAL A 198 -31.34 -17.26 25.84
C VAL A 198 -30.39 -18.37 26.28
N LEU A 199 -29.94 -18.32 27.53
CA LEU A 199 -29.07 -19.35 28.09
C LEU A 199 -29.92 -20.36 28.85
N PHE A 200 -29.71 -21.65 28.57
CA PHE A 200 -30.36 -22.73 29.30
C PHE A 200 -29.29 -23.58 30.00
N HIS A 201 -29.05 -23.27 31.28
CA HIS A 201 -28.20 -24.12 32.09
C HIS A 201 -29.04 -25.26 32.68
N TYR A 202 -28.59 -26.50 32.47
CA TYR A 202 -29.24 -27.69 33.02
C TYR A 202 -28.27 -28.48 33.89
N ASN A 203 -28.75 -28.91 35.07
CA ASN A 203 -27.99 -29.73 36.01
C ASN A 203 -28.80 -30.97 36.43
N GLY A 204 -28.46 -32.11 35.86
CA GLY A 204 -29.14 -33.38 36.15
C GLY A 204 -28.28 -34.37 36.90
N HIS A 205 -27.91 -34.04 38.13
CA HIS A 205 -27.11 -34.93 38.98
C HIS A 205 -27.98 -35.90 39.76
N GLY A 206 -29.12 -35.42 40.28
CA GLY A 206 -30.05 -36.26 41.06
C GLY A 206 -31.10 -37.02 40.26
N VAL A 207 -30.96 -37.01 38.93
CA VAL A 207 -31.87 -37.70 38.00
C VAL A 207 -31.04 -38.61 37.10
N PRO A 208 -31.72 -39.53 36.36
CA PRO A 208 -30.93 -40.43 35.50
C PRO A 208 -30.25 -39.72 34.32
N LYS A 209 -29.38 -40.48 33.65
CA LYS A 209 -28.51 -39.94 32.61
C LYS A 209 -29.30 -39.75 31.33
N PRO A 210 -28.87 -38.81 30.45
CA PRO A 210 -29.60 -38.59 29.21
C PRO A 210 -29.57 -39.80 28.30
N THR A 211 -30.61 -39.97 27.52
CA THR A 211 -30.84 -41.20 26.77
C THR A 211 -30.32 -41.12 25.35
N ALA A 212 -30.22 -42.28 24.73
CA ALA A 212 -29.91 -42.40 23.29
C ALA A 212 -31.04 -41.91 22.39
N ASN A 213 -32.26 -41.85 22.92
CA ASN A 213 -33.38 -41.20 22.24
C ASN A 213 -33.36 -39.68 22.37
N GLY A 214 -32.37 -39.12 23.08
CA GLY A 214 -32.22 -37.68 23.23
C GLY A 214 -33.20 -37.12 24.22
N GLU A 215 -32.97 -37.36 25.50
CA GLU A 215 -33.91 -36.98 26.54
C GLU A 215 -33.17 -36.47 27.77
N ILE A 216 -33.59 -35.28 28.20
CA ILE A 216 -33.32 -34.80 29.56
C ILE A 216 -34.29 -35.53 30.50
N TRP A 217 -33.88 -35.70 31.76
CA TRP A 217 -34.78 -36.19 32.82
C TRP A 217 -35.18 -35.07 33.78
N VAL A 218 -36.46 -35.08 34.17
CA VAL A 218 -37.04 -34.09 35.09
C VAL A 218 -37.89 -34.86 36.11
N PHE A 219 -38.85 -34.21 36.78
CA PHE A 219 -39.71 -34.91 37.76
C PHE A 219 -41.21 -34.81 37.46
N ASN A 220 -41.99 -35.53 38.26
CA ASN A 220 -43.43 -35.25 38.43
C ASN A 220 -43.64 -34.63 39.81
N LYS A 221 -44.75 -33.90 39.98
CA LYS A 221 -45.06 -33.14 41.22
C LYS A 221 -44.67 -33.85 42.52
N SER A 222 -45.09 -35.10 42.64
CA SER A 222 -44.87 -35.92 43.85
C SER A 222 -43.42 -36.36 44.09
N TYR A 223 -42.55 -36.16 43.10
CA TYR A 223 -41.15 -36.61 43.12
C TYR A 223 -41.00 -38.15 43.23
N THR A 224 -41.99 -38.87 42.72
CA THR A 224 -42.06 -40.34 42.76
C THR A 224 -41.41 -40.99 41.53
N GLN A 225 -41.52 -40.31 40.39
CA GLN A 225 -41.00 -40.78 39.11
C GLN A 225 -39.97 -39.80 38.52
N TYR A 226 -39.05 -40.32 37.72
CA TYR A 226 -38.21 -39.51 36.84
C TYR A 226 -38.89 -39.46 35.47
N ILE A 227 -39.23 -38.25 35.00
CA ILE A 227 -39.91 -38.05 33.72
C ILE A 227 -38.87 -37.64 32.66
N PRO A 228 -38.87 -38.29 31.48
CA PRO A 228 -37.94 -37.87 30.44
C PRO A 228 -38.53 -36.75 29.56
N LEU A 229 -37.95 -35.56 29.68
CA LEU A 229 -38.26 -34.43 28.79
C LEU A 229 -37.44 -34.61 27.50
N PRO A 230 -38.12 -34.86 26.35
CA PRO A 230 -37.37 -35.02 25.09
C PRO A 230 -36.81 -33.69 24.54
N ILE A 231 -35.58 -33.76 24.02
CA ILE A 231 -34.84 -32.58 23.55
C ILE A 231 -35.55 -31.81 22.44
N SER A 232 -36.26 -32.52 21.56
CA SER A 232 -37.04 -31.92 20.47
C SER A 232 -37.99 -30.82 20.95
N GLU A 233 -38.66 -31.10 22.06
CA GLU A 233 -39.60 -30.17 22.68
C GLU A 233 -38.93 -28.95 23.33
N LEU A 234 -37.78 -29.15 23.95
CA LEU A 234 -36.95 -28.00 24.39
C LEU A 234 -36.63 -27.07 23.23
N ASP A 235 -36.11 -27.66 22.16
CA ASP A 235 -35.69 -26.92 20.98
C ASP A 235 -36.83 -26.14 20.33
N SER A 236 -38.06 -26.64 20.45
CA SER A 236 -39.25 -25.89 20.00
C SER A 236 -39.64 -24.76 20.95
N TRP A 237 -39.43 -24.95 22.26
CA TRP A 237 -39.76 -23.94 23.28
C TRP A 237 -38.82 -22.73 23.25
N LEU A 238 -37.52 -22.98 23.32
CA LEU A 238 -36.49 -21.97 22.99
C LEU A 238 -36.33 -22.01 21.47
N LYS A 239 -35.59 -21.08 20.88
CA LYS A 239 -35.49 -21.03 19.41
C LYS A 239 -34.15 -20.44 18.96
N THR A 240 -33.99 -20.17 17.66
CA THR A 240 -32.73 -19.74 17.00
C THR A 240 -31.64 -19.22 17.96
N PRO A 241 -31.78 -17.99 18.49
CA PRO A 241 -30.65 -17.45 19.25
C PRO A 241 -30.69 -18.02 20.67
N SER A 242 -29.96 -19.12 20.87
CA SER A 242 -29.88 -19.76 22.19
C SER A 242 -28.64 -20.63 22.39
N ILE A 243 -28.28 -20.81 23.66
CA ILE A 243 -27.06 -21.50 24.09
C ILE A 243 -27.41 -22.36 25.29
N TYR A 244 -26.97 -23.61 25.29
CA TYR A 244 -27.28 -24.57 26.36
C TYR A 244 -26.01 -25.01 27.07
N VAL A 245 -26.06 -25.13 28.40
CA VAL A 245 -25.00 -25.78 29.19
C VAL A 245 -25.59 -27.07 29.78
N PHE A 246 -24.81 -28.15 29.74
CA PHE A 246 -25.25 -29.44 30.29
C PHE A 246 -24.22 -30.02 31.24
N ASP A 247 -24.38 -29.71 32.53
CA ASP A 247 -23.60 -30.33 33.59
C ASP A 247 -24.31 -31.60 34.04
N CYS A 248 -23.99 -32.69 33.36
CA CYS A 248 -24.48 -34.02 33.72
C CYS A 248 -23.55 -35.10 33.18
N SER A 249 -23.74 -36.32 33.64
CA SER A 249 -23.05 -37.49 33.10
C SER A 249 -23.58 -37.78 31.69
N ALA A 250 -22.77 -38.44 30.88
CA ALA A 250 -23.17 -38.92 29.55
C ALA A 250 -23.74 -37.80 28.65
N ALA A 251 -23.16 -36.61 28.74
CA ALA A 251 -23.78 -35.39 28.20
C ALA A 251 -23.87 -35.30 26.67
N ARG A 252 -22.85 -35.83 25.98
CA ARG A 252 -22.86 -35.96 24.50
C ARG A 252 -24.20 -36.41 23.91
N MET A 253 -24.81 -37.40 24.55
CA MET A 253 -26.15 -37.91 24.20
C MET A 253 -27.10 -36.78 23.78
N ILE A 254 -27.09 -35.72 24.58
CA ILE A 254 -27.93 -34.53 24.35
C ILE A 254 -27.53 -33.81 23.06
N LEU A 255 -26.22 -33.66 22.83
CA LEU A 255 -25.73 -33.01 21.61
C LEU A 255 -25.96 -33.87 20.38
N ASN A 256 -25.71 -35.17 20.49
CA ASN A 256 -25.99 -36.10 19.39
C ASN A 256 -27.46 -36.02 18.99
N ALA A 257 -28.33 -35.86 19.99
CA ALA A 257 -29.77 -35.67 19.76
C ALA A 257 -30.05 -34.35 19.06
N PHE A 258 -29.58 -33.25 19.65
CA PHE A 258 -29.70 -31.91 19.07
C PHE A 258 -29.32 -31.87 17.59
N ALA A 259 -28.23 -32.55 17.25
CA ALA A 259 -27.73 -32.64 15.86
C ALA A 259 -28.73 -33.30 14.90
N GLU A 260 -29.47 -34.27 15.44
CA GLU A 260 -30.46 -35.03 14.68
C GLU A 260 -31.86 -34.39 14.61
N LEU A 261 -32.06 -33.27 15.29
CA LEU A 261 -33.36 -32.61 15.31
C LEU A 261 -33.78 -32.02 13.98
N HIS A 262 -32.83 -31.58 13.16
CA HIS A 262 -33.16 -30.89 11.92
C HIS A 262 -32.54 -31.57 10.70
N ASP A 263 -33.12 -31.25 9.53
CA ASP A 263 -32.76 -31.90 8.27
C ASP A 263 -31.39 -31.42 7.82
N TRP A 264 -30.50 -32.37 7.55
CA TRP A 264 -29.11 -32.06 7.26
C TRP A 264 -28.95 -31.35 5.92
N GLY A 265 -27.94 -30.46 5.89
CA GLY A 265 -27.79 -29.42 4.88
C GLY A 265 -27.72 -28.09 5.61
N SER A 266 -28.15 -27.03 4.94
CA SER A 266 -28.23 -25.68 5.53
C SER A 266 -26.90 -25.14 6.11
N SER A 267 -25.77 -25.58 5.55
CA SER A 267 -24.42 -25.13 5.93
C SER A 267 -23.35 -25.79 5.03
N GLY A 268 -22.11 -25.30 5.14
CA GLY A 268 -20.95 -25.89 4.45
C GLY A 268 -19.85 -26.28 5.42
N SER A 269 -20.25 -26.90 6.53
CA SER A 269 -19.38 -27.22 7.67
C SER A 269 -19.58 -28.69 8.11
N SER A 270 -19.13 -29.04 9.32
CA SER A 270 -19.30 -30.39 9.89
C SER A 270 -20.77 -30.84 9.95
N GLY A 271 -21.59 -30.04 10.63
CA GLY A 271 -23.04 -30.31 10.73
C GLY A 271 -23.77 -29.29 11.58
N SER A 272 -24.14 -28.16 10.96
CA SER A 272 -24.83 -27.06 11.65
C SER A 272 -25.84 -26.38 10.72
N SER A 273 -26.52 -25.35 11.23
CA SER A 273 -27.50 -24.56 10.46
C SER A 273 -28.01 -23.32 11.21
N ARG A 274 -28.56 -23.54 12.40
CA ARG A 274 -29.20 -22.51 13.25
C ARG A 274 -28.15 -21.67 13.98
N ASP A 275 -28.56 -21.00 15.07
CA ASP A 275 -27.63 -20.44 16.06
C ASP A 275 -27.80 -21.11 17.42
N CYS A 276 -27.85 -22.46 17.41
CA CYS A 276 -27.91 -23.25 18.65
C CYS A 276 -26.49 -23.64 19.07
N ILE A 277 -26.02 -23.09 20.18
CA ILE A 277 -24.69 -23.39 20.72
C ILE A 277 -24.87 -24.27 21.95
N LEU A 278 -23.99 -25.25 22.12
CA LEU A 278 -24.16 -26.29 23.14
C LEU A 278 -22.83 -26.55 23.83
N LEU A 279 -22.85 -26.63 25.17
CA LEU A 279 -21.67 -26.98 25.97
C LEU A 279 -22.02 -28.15 26.88
N ALA A 280 -21.36 -29.29 26.66
CA ALA A 280 -21.63 -30.49 27.45
C ALA A 280 -20.39 -30.93 28.24
N ALA A 281 -20.63 -31.47 29.43
CA ALA A 281 -19.57 -31.77 30.40
C ALA A 281 -18.60 -32.88 29.98
N CYS A 282 -19.13 -33.99 29.47
CA CYS A 282 -18.32 -35.17 29.19
C CYS A 282 -18.85 -35.94 27.97
N ASP A 283 -18.20 -37.06 27.64
CA ASP A 283 -18.55 -37.86 26.46
C ASP A 283 -19.81 -38.71 26.72
N VAL A 284 -20.18 -39.59 25.78
CA VAL A 284 -21.42 -40.40 25.86
C VAL A 284 -21.35 -41.45 26.97
N HIS A 285 -20.28 -42.25 26.90
CA HIS A 285 -19.97 -43.29 27.89
C HIS A 285 -19.54 -42.76 29.26
N GLU A 286 -18.97 -41.57 29.30
CA GLU A 286 -18.35 -41.04 30.52
C GLU A 286 -19.33 -40.55 31.60
N THR A 287 -18.83 -40.50 32.82
CA THR A 287 -19.57 -40.11 34.02
C THR A 287 -18.72 -39.11 34.77
N LEU A 288 -19.38 -38.11 35.36
CA LEU A 288 -18.71 -37.04 36.09
C LEU A 288 -17.97 -37.63 37.30
N PRO A 289 -16.87 -36.97 37.77
CA PRO A 289 -16.08 -37.55 38.88
C PRO A 289 -16.86 -37.81 40.18
N GLN A 290 -16.34 -38.73 40.99
CA GLN A 290 -16.79 -38.90 42.39
C GLN A 290 -15.75 -38.48 43.44
N SER A 291 -14.49 -38.35 43.05
CA SER A 291 -13.42 -37.99 43.99
C SER A 291 -13.72 -36.68 44.71
N VAL A 292 -13.35 -36.62 45.99
CA VAL A 292 -13.76 -35.51 46.87
C VAL A 292 -12.91 -34.26 46.63
N GLU A 293 -11.78 -34.38 45.93
CA GLU A 293 -11.03 -33.19 45.48
C GLU A 293 -11.87 -32.29 44.54
N PHE A 294 -12.76 -32.90 43.75
CA PHE A 294 -13.73 -32.19 42.90
C PHE A 294 -15.06 -32.05 43.62
N PRO A 295 -15.88 -31.06 43.24
CA PRO A 295 -17.29 -31.04 43.60
C PRO A 295 -18.11 -31.85 42.57
N ALA A 296 -19.42 -31.95 42.75
CA ALA A 296 -20.31 -32.47 41.68
C ALA A 296 -20.45 -31.45 40.53
N ASP A 297 -20.29 -30.17 40.90
CA ASP A 297 -20.52 -29.01 40.04
C ASP A 297 -19.23 -28.62 39.29
N VAL A 298 -18.48 -29.58 38.75
CA VAL A 298 -17.10 -29.31 38.25
C VAL A 298 -17.17 -28.43 37.00
N PHE A 299 -17.88 -28.92 35.99
CA PHE A 299 -18.02 -28.25 34.69
C PHE A 299 -18.59 -26.84 34.85
N THR A 300 -19.65 -26.72 35.66
CA THR A 300 -20.25 -25.42 36.02
C THR A 300 -19.29 -24.54 36.83
N SER A 301 -18.55 -25.13 37.77
CA SER A 301 -17.58 -24.35 38.55
C SER A 301 -16.34 -23.93 37.73
N CYS A 302 -16.01 -24.67 36.67
CA CYS A 302 -15.01 -24.22 35.68
C CYS A 302 -15.59 -23.09 34.86
N LEU A 303 -16.73 -23.35 34.21
CA LEU A 303 -17.40 -22.39 33.31
C LEU A 303 -17.82 -21.08 33.97
N THR A 304 -18.17 -21.13 35.26
CA THR A 304 -18.89 -20.04 35.93
C THR A 304 -18.12 -19.39 37.11
N THR A 305 -17.22 -20.15 37.76
CA THR A 305 -16.35 -19.63 38.83
C THR A 305 -14.87 -19.97 38.58
N PRO A 306 -14.36 -19.64 37.38
CA PRO A 306 -13.13 -20.22 36.84
C PRO A 306 -11.91 -20.03 37.72
N ILE A 307 -11.76 -18.85 38.32
CA ILE A 307 -10.53 -18.51 39.06
C ILE A 307 -10.45 -19.37 40.31
N LYS A 308 -11.50 -19.30 41.14
CA LYS A 308 -11.60 -20.12 42.35
C LYS A 308 -11.29 -21.58 42.06
N MET A 309 -11.98 -22.11 41.05
CA MET A 309 -11.85 -23.53 40.64
C MET A 309 -10.47 -23.86 40.05
N ALA A 310 -9.89 -22.93 39.30
CA ALA A 310 -8.56 -23.12 38.72
C ALA A 310 -7.44 -23.29 39.77
N LEU A 311 -7.56 -22.56 40.89
CA LEU A 311 -6.54 -22.60 41.95
C LEU A 311 -6.74 -23.78 42.88
N LYS A 312 -7.99 -24.08 43.24
CA LYS A 312 -8.29 -25.23 44.11
C LYS A 312 -7.83 -26.53 43.48
N TRP A 313 -7.93 -26.61 42.16
CA TRP A 313 -7.40 -27.70 41.37
C TRP A 313 -5.85 -27.69 41.36
N PHE A 314 -5.27 -26.50 41.27
CA PHE A 314 -3.81 -26.32 41.31
C PHE A 314 -3.18 -26.82 42.61
N CYS A 315 -3.85 -26.60 43.74
CA CYS A 315 -3.37 -27.07 45.03
C CYS A 315 -3.43 -28.59 45.13
N ARG A 316 -4.64 -29.13 44.99
CA ARG A 316 -4.91 -30.57 45.19
C ARG A 316 -4.09 -31.49 44.27
N ARG A 317 -3.64 -30.96 43.13
CA ARG A 317 -2.83 -31.72 42.16
C ARG A 317 -1.32 -31.44 42.24
N SER A 318 -0.93 -30.22 41.84
CA SER A 318 0.47 -29.92 41.49
C SER A 318 1.46 -29.89 42.68
N LEU A 319 1.31 -28.91 43.58
CA LEU A 319 2.22 -28.75 44.74
C LEU A 319 2.02 -29.79 45.87
N LEU A 320 1.06 -30.71 45.71
CA LEU A 320 0.76 -31.82 46.63
C LEU A 320 -0.25 -31.44 47.75
N LYS A 321 -0.42 -30.14 48.01
CA LYS A 321 -1.62 -29.50 48.61
C LYS A 321 -1.53 -29.08 50.09
N GLU A 322 -0.97 -29.94 50.95
CA GLU A 322 -0.98 -29.72 52.42
C GLU A 322 -0.08 -28.58 52.96
N ILE A 323 0.82 -28.04 52.13
CA ILE A 323 1.68 -26.91 52.53
C ILE A 323 0.88 -25.61 52.52
N ILE A 324 0.04 -25.46 51.50
CA ILE A 324 -0.70 -24.22 51.23
C ILE A 324 -2.11 -24.37 51.79
N ASP A 325 -2.49 -23.44 52.67
CA ASP A 325 -3.85 -23.40 53.22
C ASP A 325 -4.84 -23.09 52.10
N GLU A 326 -5.58 -24.12 51.69
CA GLU A 326 -6.44 -24.06 50.52
C GLU A 326 -7.63 -23.10 50.69
N SER A 327 -8.02 -22.84 51.94
CA SER A 327 -9.11 -21.91 52.27
C SER A 327 -8.76 -20.42 52.14
N LEU A 328 -7.48 -20.11 51.94
CA LEU A 328 -7.04 -18.76 51.55
C LEU A 328 -7.61 -18.36 50.17
N ILE A 329 -7.86 -19.35 49.31
CA ILE A 329 -8.41 -19.14 47.96
C ILE A 329 -9.81 -18.49 47.98
N ASP A 330 -10.62 -18.84 48.96
CA ASP A 330 -11.89 -18.15 49.19
C ASP A 330 -11.66 -16.68 49.56
N ARG A 331 -10.62 -16.45 50.36
CA ARG A 331 -10.30 -15.13 50.90
C ARG A 331 -9.14 -14.47 50.12
N ILE A 332 -9.27 -14.39 48.79
CA ILE A 332 -8.28 -13.72 47.96
C ILE A 332 -8.64 -12.23 47.92
N PRO A 333 -7.65 -11.33 48.13
CA PRO A 333 -7.97 -9.92 48.39
C PRO A 333 -8.28 -9.10 47.14
N GLY A 334 -9.18 -8.14 47.30
CA GLY A 334 -9.59 -7.23 46.23
C GLY A 334 -10.84 -7.74 45.53
N ARG A 335 -11.05 -7.23 44.32
CA ARG A 335 -12.18 -7.65 43.46
C ARG A 335 -11.65 -8.01 42.06
N GLN A 336 -12.52 -8.65 41.27
CA GLN A 336 -12.15 -9.07 39.91
C GLN A 336 -11.87 -7.91 38.92
N ASN A 337 -12.31 -6.70 39.27
CA ASN A 337 -12.15 -5.53 38.40
C ASN A 337 -10.78 -4.85 38.50
N ASP A 338 -10.34 -4.52 39.71
CA ASP A 338 -9.06 -3.85 39.90
C ASP A 338 -7.91 -4.78 39.50
N ARG A 339 -7.28 -4.46 38.37
CA ARG A 339 -6.05 -5.13 37.94
C ARG A 339 -4.85 -4.79 38.82
N LYS A 340 -5.01 -3.79 39.69
CA LYS A 340 -4.02 -3.49 40.72
C LYS A 340 -4.18 -4.34 42.00
N THR A 341 -5.32 -5.00 42.19
CA THR A 341 -5.49 -5.98 43.29
C THR A 341 -5.12 -7.39 42.86
N LEU A 342 -4.69 -8.21 43.81
CA LEU A 342 -4.21 -9.57 43.53
C LEU A 342 -5.26 -10.50 42.91
N LEU A 343 -6.54 -10.32 43.27
CA LEU A 343 -7.63 -11.14 42.70
C LEU A 343 -7.89 -10.79 41.23
N GLY A 344 -8.14 -9.50 41.00
CA GLY A 344 -8.42 -8.99 39.66
C GLY A 344 -7.27 -9.17 38.70
N GLU A 345 -6.03 -8.99 39.18
CA GLU A 345 -4.84 -9.19 38.36
C GLU A 345 -4.67 -10.65 37.96
N LEU A 346 -5.10 -11.56 38.83
CA LEU A 346 -5.13 -12.99 38.53
C LEU A 346 -6.23 -13.29 37.51
N ASN A 347 -7.37 -12.64 37.71
CA ASN A 347 -8.51 -12.74 36.79
C ASN A 347 -8.18 -12.20 35.39
N TRP A 348 -7.40 -11.12 35.35
CA TRP A 348 -6.94 -10.49 34.10
C TRP A 348 -5.97 -11.39 33.35
N ILE A 349 -5.00 -11.98 34.05
CA ILE A 349 -4.06 -12.94 33.46
C ILE A 349 -4.82 -14.14 32.87
N PHE A 350 -5.82 -14.63 33.59
CA PHE A 350 -6.62 -15.77 33.14
C PHE A 350 -7.33 -15.47 31.82
N THR A 351 -8.03 -14.35 31.78
CA THR A 351 -8.69 -13.86 30.56
C THR A 351 -7.69 -13.77 29.42
N ALA A 352 -6.57 -13.12 29.68
CA ALA A 352 -5.48 -12.98 28.71
C ALA A 352 -4.96 -14.33 28.22
N VAL A 353 -4.65 -15.23 29.17
CA VAL A 353 -4.15 -16.57 28.86
C VAL A 353 -5.14 -17.34 27.97
N THR A 354 -6.39 -17.38 28.41
CA THR A 354 -7.42 -18.21 27.80
C THR A 354 -7.74 -17.72 26.37
N ASP A 355 -8.09 -16.45 26.28
CA ASP A 355 -8.31 -15.73 25.01
C ASP A 355 -7.19 -15.96 23.98
N THR A 356 -5.95 -15.96 24.46
CA THR A 356 -4.77 -16.18 23.61
C THR A 356 -4.78 -17.58 23.02
N ILE A 357 -5.07 -18.57 23.84
CA ILE A 357 -5.12 -19.95 23.36
C ILE A 357 -6.17 -20.03 22.26
N ALA A 358 -7.39 -19.62 22.58
CA ALA A 358 -8.52 -19.64 21.63
C ALA A 358 -8.17 -19.04 20.27
N TRP A 359 -7.46 -17.90 20.29
CA TRP A 359 -7.09 -17.20 19.06
C TRP A 359 -6.18 -18.03 18.17
N ASN A 360 -5.10 -18.53 18.76
CA ASN A 360 -4.15 -19.38 18.04
C ASN A 360 -4.73 -20.71 17.59
N VAL A 361 -5.59 -21.29 18.42
CA VAL A 361 -6.15 -22.62 18.18
C VAL A 361 -7.20 -22.57 17.06
N LEU A 362 -8.10 -21.59 17.12
CA LEU A 362 -9.23 -21.50 16.19
C LEU A 362 -8.92 -20.78 14.88
N PRO A 363 -9.86 -20.86 13.91
CA PRO A 363 -9.91 -19.95 12.77
C PRO A 363 -10.63 -18.63 13.04
N HIS A 364 -10.37 -17.65 12.18
CA HIS A 364 -10.93 -16.28 12.25
C HIS A 364 -12.44 -16.25 12.53
N GLU A 365 -13.18 -17.06 11.77
CA GLU A 365 -14.65 -16.99 11.74
C GLU A 365 -15.30 -17.49 13.03
N LEU A 366 -14.83 -18.64 13.49
CA LEU A 366 -15.35 -19.29 14.68
C LEU A 366 -14.97 -18.53 15.96
N PHE A 367 -13.71 -18.12 16.04
CA PHE A 367 -13.19 -17.31 17.14
C PHE A 367 -14.03 -16.06 17.37
N GLN A 368 -14.27 -15.32 16.29
CA GLN A 368 -15.04 -14.08 16.34
C GLN A 368 -16.49 -14.31 16.81
N ARG A 369 -17.07 -15.45 16.45
CA ARG A 369 -18.44 -15.81 16.83
C ARG A 369 -18.58 -16.16 18.31
N LEU A 370 -17.68 -17.01 18.81
CA LEU A 370 -17.72 -17.45 20.21
C LEU A 370 -17.09 -16.42 21.12
N PHE A 371 -15.83 -16.06 20.82
CA PHE A 371 -14.98 -15.27 21.73
C PHE A 371 -15.04 -13.74 21.63
N ARG A 372 -15.81 -13.19 20.67
CA ARG A 372 -15.89 -11.73 20.46
C ARG A 372 -17.29 -11.10 20.34
N GLN A 373 -18.34 -11.92 20.28
CA GLN A 373 -19.68 -11.46 19.85
C GLN A 373 -20.59 -11.13 21.03
N ASP A 374 -20.70 -12.10 21.95
CA ASP A 374 -21.58 -12.04 23.10
C ASP A 374 -20.71 -12.13 24.36
N LEU A 375 -20.74 -11.08 25.17
CA LEU A 375 -19.98 -11.01 26.43
C LEU A 375 -20.10 -12.28 27.28
N LEU A 376 -21.28 -12.91 27.26
CA LEU A 376 -21.51 -14.13 28.03
C LEU A 376 -20.90 -15.34 27.35
N VAL A 377 -21.15 -15.50 26.04
CA VAL A 377 -20.62 -16.65 25.28
C VAL A 377 -19.09 -16.61 25.28
N ALA A 378 -18.54 -15.41 25.07
CA ALA A 378 -17.10 -15.18 25.19
C ALA A 378 -16.57 -15.74 26.52
N SER A 379 -17.20 -15.34 27.61
CA SER A 379 -16.82 -15.77 28.94
C SER A 379 -17.03 -17.27 29.13
N LEU A 380 -18.16 -17.79 28.66
CA LEU A 380 -18.44 -19.23 28.77
C LEU A 380 -17.47 -20.08 27.96
N PHE A 381 -17.04 -19.59 26.81
CA PHE A 381 -16.10 -20.35 25.99
C PHE A 381 -14.67 -20.16 26.45
N ARG A 382 -14.33 -18.98 26.98
CA ARG A 382 -13.05 -18.81 27.66
C ARG A 382 -13.00 -19.81 28.82
N ASN A 383 -13.91 -19.66 29.76
CA ASN A 383 -13.97 -20.56 30.92
C ASN A 383 -14.11 -22.05 30.53
N PHE A 384 -14.68 -22.36 29.35
CA PHE A 384 -14.73 -23.73 28.81
C PHE A 384 -13.36 -24.35 28.59
N LEU A 385 -12.38 -23.55 28.19
CA LEU A 385 -11.01 -24.04 27.96
C LEU A 385 -10.34 -24.52 29.26
N LEU A 386 -10.76 -23.95 30.40
CA LEU A 386 -10.35 -24.43 31.72
C LEU A 386 -11.00 -25.77 32.03
N ALA A 387 -12.28 -25.91 31.67
CA ALA A 387 -12.98 -27.20 31.79
C ALA A 387 -12.31 -28.28 30.95
N GLU A 388 -11.95 -27.91 29.71
CA GLU A 388 -11.15 -28.75 28.81
C GLU A 388 -9.99 -29.43 29.53
N ARG A 389 -9.34 -28.68 30.42
CA ARG A 389 -8.15 -29.12 31.15
C ARG A 389 -8.44 -29.85 32.47
N ILE A 390 -9.31 -29.28 33.30
CA ILE A 390 -9.66 -29.85 34.61
C ILE A 390 -10.43 -31.16 34.47
N MET A 391 -11.45 -31.15 33.62
CA MET A 391 -12.30 -32.33 33.41
C MET A 391 -11.51 -33.50 32.83
N ARG A 392 -10.55 -33.20 31.94
CA ARG A 392 -9.64 -34.19 31.38
C ARG A 392 -8.96 -35.02 32.46
N SER A 393 -8.57 -34.38 33.56
CA SER A 393 -7.93 -35.08 34.68
C SER A 393 -8.87 -36.05 35.43
N ALA A 394 -10.18 -35.86 35.31
CA ALA A 394 -11.19 -36.65 36.02
C ALA A 394 -11.96 -37.67 35.16
N ASN A 395 -11.33 -38.16 34.07
CA ASN A 395 -11.98 -39.05 33.07
C ASN A 395 -13.23 -38.42 32.44
N CYS A 396 -13.04 -37.25 31.81
CA CYS A 396 -14.13 -36.54 31.15
C CYS A 396 -13.61 -35.70 29.98
N ASN A 397 -14.26 -35.82 28.83
CA ASN A 397 -13.93 -35.04 27.65
C ASN A 397 -15.13 -34.14 27.29
N PRO A 398 -15.08 -32.86 27.71
CA PRO A 398 -16.17 -31.94 27.35
C PRO A 398 -16.15 -31.54 25.87
N ILE A 399 -17.32 -31.21 25.33
CA ILE A 399 -17.48 -30.78 23.93
C ILE A 399 -18.52 -29.68 23.79
N SER A 400 -18.15 -28.69 22.98
CA SER A 400 -19.04 -27.61 22.57
C SER A 400 -19.63 -28.01 21.24
N HIS A 401 -20.73 -27.38 20.81
CA HIS A 401 -21.27 -27.72 19.49
C HIS A 401 -20.40 -27.17 18.37
N PRO A 402 -20.21 -25.83 18.30
CA PRO A 402 -19.09 -25.42 17.45
C PRO A 402 -17.84 -26.03 18.09
N MET A 403 -17.33 -27.09 17.47
CA MET A 403 -16.61 -28.14 18.21
C MET A 403 -15.30 -27.70 18.88
N LEU A 404 -14.51 -26.92 18.17
CA LEU A 404 -13.22 -26.39 18.62
C LEU A 404 -12.09 -27.44 18.88
N PRO A 405 -10.90 -27.23 18.26
CA PRO A 405 -9.74 -28.14 18.40
C PRO A 405 -9.22 -28.32 19.83
N PRO A 406 -8.36 -29.34 20.06
CA PRO A 406 -7.88 -29.64 21.40
C PRO A 406 -7.09 -28.49 22.03
N THR A 407 -7.58 -28.01 23.17
CA THR A 407 -7.07 -26.84 23.85
C THR A 407 -6.09 -27.20 24.98
N HIS A 408 -6.41 -28.25 25.75
CA HIS A 408 -5.59 -28.65 26.90
C HIS A 408 -4.13 -28.91 26.50
N GLN A 409 -3.24 -28.70 27.46
CA GLN A 409 -1.79 -28.65 27.24
C GLN A 409 -1.40 -27.94 25.93
N HIS A 410 -1.77 -26.66 25.90
CA HIS A 410 -1.18 -25.67 25.03
C HIS A 410 0.00 -25.05 25.78
N HIS A 411 0.97 -24.55 25.03
CA HIS A 411 2.10 -23.81 25.59
C HIS A 411 1.62 -22.39 25.93
N MET A 412 0.99 -22.26 27.09
CA MET A 412 0.39 -20.99 27.56
C MET A 412 -0.31 -21.20 28.90
N TRP A 413 -0.91 -22.39 29.07
CA TRP A 413 -1.26 -22.91 30.40
C TRP A 413 -0.04 -22.98 31.33
N ASP A 414 1.12 -23.34 30.76
CA ASP A 414 2.41 -23.24 31.44
C ASP A 414 2.63 -21.87 32.04
N ALA A 415 2.40 -20.85 31.23
CA ALA A 415 2.44 -19.45 31.69
C ALA A 415 1.41 -19.14 32.78
N TRP A 416 0.20 -19.70 32.64
CA TRP A 416 -0.82 -19.58 33.69
C TRP A 416 -0.43 -20.28 34.98
N ASP A 417 0.03 -21.52 34.87
CA ASP A 417 0.50 -22.29 36.03
C ASP A 417 1.53 -21.53 36.84
N MET A 418 2.49 -20.94 36.13
CA MET A 418 3.55 -20.11 36.73
C MET A 418 3.04 -18.86 37.43
N ALA A 419 2.11 -18.15 36.78
CA ALA A 419 1.50 -16.97 37.38
C ALA A 419 0.63 -17.29 38.59
N ALA A 420 -0.01 -18.46 38.57
CA ALA A 420 -0.84 -18.94 39.67
C ALA A 420 -0.01 -19.28 40.90
N GLU A 421 1.14 -19.93 40.68
CA GLU A 421 2.06 -20.30 41.77
C GLU A 421 2.62 -19.04 42.45
N ILE A 422 3.16 -18.13 41.64
CA ILE A 422 3.68 -16.84 42.11
C ILE A 422 2.59 -16.05 42.86
N CYS A 423 1.34 -16.13 42.41
CA CYS A 423 0.20 -15.59 43.15
C CYS A 423 -0.03 -16.31 44.49
N LEU A 424 -0.20 -17.64 44.43
CA LEU A 424 -0.60 -18.45 45.60
C LEU A 424 0.40 -18.46 46.76
N SER A 425 1.68 -18.23 46.49
CA SER A 425 2.68 -18.07 47.56
C SER A 425 2.44 -16.72 48.26
N GLN A 426 2.36 -15.65 47.46
CA GLN A 426 2.12 -14.29 47.95
C GLN A 426 0.88 -14.16 48.87
N LEU A 427 -0.15 -14.95 48.56
CA LEU A 427 -1.41 -14.99 49.30
C LEU A 427 -1.28 -15.33 50.78
N PRO A 428 -0.25 -16.11 51.12
CA PRO A 428 0.06 -16.46 52.51
C PRO A 428 0.41 -15.24 53.36
N GLN A 429 1.27 -14.39 52.83
CA GLN A 429 1.78 -13.23 53.57
C GLN A 429 0.88 -12.00 53.47
N LEU A 430 0.06 -11.91 52.41
CA LEU A 430 -0.93 -10.83 52.26
C LEU A 430 -2.14 -10.96 53.18
N VAL A 431 -2.35 -12.16 53.73
CA VAL A 431 -3.38 -12.36 54.71
C VAL A 431 -2.88 -11.97 56.10
N LEU A 432 -1.62 -12.31 56.41
CA LEU A 432 -0.98 -11.91 57.68
C LEU A 432 -1.18 -10.42 58.03
N ASP A 433 -1.15 -9.58 57.00
CA ASP A 433 -1.60 -8.20 57.11
C ASP A 433 -1.97 -7.68 55.72
N PRO A 434 -3.04 -6.89 55.60
CA PRO A 434 -3.20 -6.12 54.37
C PRO A 434 -2.09 -5.07 54.20
N SER A 435 -0.93 -5.54 53.76
CA SER A 435 0.25 -4.71 53.51
C SER A 435 0.15 -4.05 52.14
N THR A 436 -0.71 -4.61 51.28
CA THR A 436 -0.76 -4.35 49.84
C THR A 436 0.62 -4.29 49.16
N GLU A 437 1.59 -5.03 49.71
CA GLU A 437 2.88 -5.18 49.09
C GLU A 437 2.68 -6.29 48.08
N PHE A 438 1.96 -5.92 47.01
CA PHE A 438 1.57 -6.80 45.95
C PHE A 438 2.44 -6.39 44.78
N GLN A 439 3.41 -7.24 44.47
CA GLN A 439 4.23 -7.07 43.28
C GLN A 439 3.37 -7.51 42.11
N PRO A 440 3.17 -6.62 41.11
CA PRO A 440 2.51 -7.09 39.89
C PRO A 440 3.28 -8.27 39.27
N SER A 441 2.56 -9.20 38.64
CA SER A 441 3.22 -10.35 38.00
C SER A 441 3.98 -9.90 36.76
N PRO A 442 5.09 -10.60 36.43
CA PRO A 442 5.89 -10.24 35.27
C PRO A 442 5.19 -10.62 33.96
N PHE A 443 4.29 -11.60 34.04
CA PHE A 443 3.50 -12.12 32.93
C PHE A 443 3.30 -11.17 31.74
N PHE A 444 2.78 -9.98 32.01
CA PHE A 444 2.48 -9.00 30.96
C PHE A 444 3.73 -8.41 30.31
N THR A 445 4.77 -8.15 31.11
CA THR A 445 6.09 -7.75 30.57
C THR A 445 6.73 -8.88 29.77
N GLU A 446 6.74 -10.07 30.36
CA GLU A 446 7.35 -11.27 29.76
C GLU A 446 6.79 -11.58 28.37
N GLN A 447 5.47 -11.46 28.22
CA GLN A 447 4.80 -11.80 26.97
C GLN A 447 5.07 -10.77 25.88
N LEU A 448 5.03 -9.49 26.25
CA LEU A 448 5.43 -8.40 25.35
C LEU A 448 6.88 -8.53 24.89
N THR A 449 7.75 -9.09 25.72
CA THR A 449 9.14 -9.40 25.32
C THR A 449 9.17 -10.55 24.31
N ALA A 450 8.30 -11.56 24.50
CA ALA A 450 8.15 -12.65 23.51
C ALA A 450 7.58 -12.20 22.15
N PHE A 451 6.85 -11.09 22.16
CA PHE A 451 6.34 -10.44 20.95
C PHE A 451 7.46 -9.68 20.21
N GLU A 452 8.41 -9.10 20.95
CA GLU A 452 9.62 -8.50 20.36
C GLU A 452 10.53 -9.53 19.71
N VAL A 453 10.74 -10.65 20.39
CA VAL A 453 11.52 -11.79 19.87
C VAL A 453 10.95 -12.29 18.53
N TRP A 454 9.62 -12.32 18.44
CA TRP A 454 8.93 -12.69 17.19
C TRP A 454 9.15 -11.66 16.08
N LEU A 455 9.08 -10.38 16.44
CA LEU A 455 9.17 -9.26 15.49
C LEU A 455 10.54 -9.10 14.79
N ASP A 456 11.58 -9.71 15.36
CA ASP A 456 12.90 -9.77 14.71
C ASP A 456 13.03 -11.10 13.96
N HIS A 457 13.10 -12.21 14.70
CA HIS A 457 13.38 -13.54 14.14
C HIS A 457 12.08 -14.26 13.70
N GLY A 458 12.05 -14.70 12.45
CA GLY A 458 10.87 -15.33 11.84
C GLY A 458 9.74 -14.38 11.48
N SER A 459 10.07 -13.08 11.40
CA SER A 459 9.07 -12.02 11.24
C SER A 459 8.55 -11.91 9.80
N GLU A 460 7.69 -12.85 9.42
CA GLU A 460 7.17 -12.98 8.05
C GLU A 460 5.68 -13.35 8.10
N HIS A 461 5.14 -13.92 7.03
CA HIS A 461 3.94 -14.75 7.12
C HIS A 461 4.38 -16.17 7.51
N LYS A 462 5.02 -16.29 8.67
CA LYS A 462 5.50 -17.57 9.20
C LYS A 462 4.70 -17.87 10.47
N LYS A 463 3.38 -17.97 10.27
CA LYS A 463 2.38 -18.20 11.32
C LYS A 463 2.32 -17.02 12.31
N PRO A 464 1.12 -16.70 12.81
CA PRO A 464 0.94 -15.48 13.63
C PRO A 464 1.86 -15.40 14.88
N PRO A 465 1.91 -14.23 15.53
CA PRO A 465 2.81 -14.03 16.66
C PRO A 465 2.39 -14.62 18.02
N GLU A 466 1.14 -15.08 18.16
CA GLU A 466 0.62 -15.69 19.41
C GLU A 466 0.41 -14.71 20.57
N GLN A 467 1.32 -13.75 20.75
CA GLN A 467 1.18 -12.76 21.83
C GLN A 467 0.16 -11.66 21.49
N LEU A 468 -0.25 -11.57 20.22
CA LEU A 468 -1.15 -10.50 19.74
C LEU A 468 -2.37 -10.21 20.62
N PRO A 469 -3.11 -11.25 21.02
CA PRO A 469 -4.25 -11.01 21.92
C PRO A 469 -3.89 -10.50 23.32
N ILE A 470 -2.65 -10.76 23.77
CA ILE A 470 -2.12 -10.23 25.04
C ILE A 470 -1.72 -8.75 24.93
N VAL A 471 -1.20 -8.34 23.77
CA VAL A 471 -0.89 -6.91 23.53
C VAL A 471 -2.16 -6.07 23.64
N LEU A 472 -3.27 -6.60 23.10
CA LEU A 472 -4.59 -5.97 23.22
C LEU A 472 -5.07 -5.81 24.67
N GLN A 473 -4.84 -6.83 25.52
CA GLN A 473 -5.21 -6.75 26.94
C GLN A 473 -4.40 -5.67 27.67
N VAL A 474 -3.15 -5.50 27.25
CA VAL A 474 -2.26 -4.49 27.81
C VAL A 474 -2.71 -3.05 27.49
N LEU A 475 -3.32 -2.84 26.32
CA LEU A 475 -3.88 -1.51 25.97
C LEU A 475 -4.96 -1.01 26.95
N LEU A 476 -5.53 -1.94 27.73
CA LEU A 476 -6.55 -1.65 28.74
C LEU A 476 -5.99 -1.12 30.06
N SER A 477 -4.65 -1.16 30.22
CA SER A 477 -3.97 -0.71 31.43
C SER A 477 -2.79 0.20 31.05
N GLN A 478 -2.68 1.34 31.70
CA GLN A 478 -1.57 2.29 31.49
C GLN A 478 -0.18 1.71 31.83
N CYS A 479 -0.16 0.70 32.71
CA CYS A 479 1.05 -0.04 33.13
C CYS A 479 2.07 -0.37 32.04
N HIS A 480 1.62 -0.91 30.90
CA HIS A 480 2.52 -1.19 29.76
C HIS A 480 2.00 -0.65 28.41
N ARG A 481 1.06 0.30 28.49
CA ARG A 481 0.33 0.83 27.33
C ARG A 481 1.27 1.30 26.22
N PHE A 482 2.24 2.13 26.58
CA PHE A 482 3.18 2.72 25.62
C PHE A 482 3.97 1.63 24.88
N ARG A 483 4.58 0.71 25.62
CA ARG A 483 5.42 -0.32 24.97
C ARG A 483 4.58 -1.33 24.17
N ALA A 484 3.35 -1.57 24.61
CA ALA A 484 2.40 -2.35 23.80
C ALA A 484 2.08 -1.62 22.51
N LEU A 485 1.63 -0.36 22.62
CA LEU A 485 1.33 0.49 21.45
C LEU A 485 2.51 0.60 20.50
N VAL A 486 3.71 0.80 21.05
CA VAL A 486 4.96 0.80 20.28
C VAL A 486 5.11 -0.52 19.51
N LEU A 487 5.06 -1.64 20.23
CA LEU A 487 5.21 -2.96 19.61
C LEU A 487 4.08 -3.32 18.65
N LEU A 488 2.89 -2.76 18.90
CA LEU A 488 1.77 -2.94 17.98
C LEU A 488 2.05 -2.25 16.65
N GLY A 489 2.46 -0.99 16.69
CA GLY A 489 2.82 -0.25 15.46
C GLY A 489 3.97 -0.90 14.70
N ARG A 490 4.97 -1.36 15.46
CA ARG A 490 6.09 -2.17 14.93
C ARG A 490 5.54 -3.37 14.13
N PHE A 491 4.55 -4.05 14.69
CA PHE A 491 3.84 -5.16 14.03
C PHE A 491 2.97 -4.69 12.86
N LEU A 492 2.18 -3.64 13.06
CA LEU A 492 1.33 -3.08 11.99
C LEU A 492 2.15 -2.63 10.79
N ASP A 493 3.37 -2.15 11.03
CA ASP A 493 4.24 -1.64 9.96
C ASP A 493 4.61 -2.68 8.89
N MET A 494 4.60 -3.96 9.24
CA MET A 494 5.07 -5.00 8.31
C MET A 494 4.05 -5.43 7.22
N GLY A 495 2.89 -4.77 7.16
CA GLY A 495 2.01 -4.87 6.00
C GLY A 495 0.56 -5.03 6.37
N SER A 496 -0.30 -4.95 5.35
CA SER A 496 -1.76 -5.02 5.52
C SER A 496 -2.23 -6.31 6.19
N TRP A 497 -1.56 -7.42 5.87
CA TRP A 497 -1.79 -8.72 6.53
C TRP A 497 -1.71 -8.63 8.07
N ALA A 498 -0.81 -7.79 8.59
CA ALA A 498 -0.64 -7.59 10.02
C ALA A 498 -1.74 -6.70 10.59
N VAL A 499 -2.17 -5.72 9.81
CA VAL A 499 -3.32 -4.88 10.17
C VAL A 499 -4.59 -5.74 10.22
N ASP A 500 -4.76 -6.60 9.20
CA ASP A 500 -5.84 -7.60 9.17
C ASP A 500 -5.82 -8.51 10.41
N LEU A 501 -4.62 -8.92 10.83
CA LEU A 501 -4.43 -9.70 12.06
C LEU A 501 -4.80 -8.95 13.32
N ALA A 502 -4.35 -7.70 13.43
CA ALA A 502 -4.68 -6.84 14.57
C ALA A 502 -6.18 -6.62 14.69
N LEU A 503 -6.78 -6.21 13.58
CA LEU A 503 -8.22 -5.94 13.54
C LEU A 503 -9.07 -7.19 13.77
N SER A 504 -8.54 -8.37 13.43
CA SER A 504 -9.19 -9.66 13.77
C SER A 504 -9.22 -9.93 15.27
N VAL A 505 -8.12 -9.63 15.94
CA VAL A 505 -8.02 -9.75 17.41
C VAL A 505 -8.96 -8.79 18.13
N GLY A 506 -9.26 -7.65 17.52
CA GLY A 506 -10.24 -6.70 18.06
C GLY A 506 -9.59 -5.45 18.62
N ILE A 507 -8.55 -4.98 17.93
CA ILE A 507 -7.79 -3.81 18.36
C ILE A 507 -8.55 -2.51 18.13
N PHE A 508 -9.42 -2.48 17.11
CA PHE A 508 -10.07 -1.26 16.64
C PHE A 508 -10.64 -0.31 17.71
N PRO A 509 -11.53 -0.81 18.60
CA PRO A 509 -12.18 0.11 19.56
C PRO A 509 -11.27 0.65 20.66
N TYR A 510 -10.29 -0.13 21.10
CA TYR A 510 -9.40 0.31 22.18
C TYR A 510 -8.43 1.39 21.69
N VAL A 511 -7.88 1.19 20.50
CA VAL A 511 -7.07 2.20 19.82
C VAL A 511 -7.92 3.45 19.45
N LEU A 512 -9.19 3.23 19.13
CA LEU A 512 -10.14 4.33 18.88
C LEU A 512 -10.50 5.11 20.15
N LYS A 513 -10.69 4.42 21.26
CA LYS A 513 -10.96 5.10 22.54
C LYS A 513 -9.78 5.96 22.97
N LEU A 514 -8.56 5.44 22.77
CA LEU A 514 -7.32 6.16 23.11
C LEU A 514 -7.18 7.54 22.43
N LEU A 515 -7.92 7.79 21.35
CA LEU A 515 -8.04 9.14 20.76
C LEU A 515 -8.76 10.20 21.63
N GLN A 516 -8.97 9.91 22.91
CA GLN A 516 -9.29 10.92 23.93
C GLN A 516 -8.20 11.04 25.01
N THR A 517 -7.06 10.37 24.81
CA THR A 517 -5.94 10.43 25.76
C THR A 517 -5.10 11.65 25.40
N THR A 518 -4.93 12.56 26.37
CA THR A 518 -4.16 13.78 26.18
C THR A 518 -2.63 13.56 26.29
N THR A 519 -2.23 12.44 26.89
CA THR A 519 -0.81 12.07 27.06
C THR A 519 -0.02 12.16 25.74
N ASN A 520 0.84 13.19 25.65
CA ASN A 520 1.70 13.40 24.46
C ASN A 520 2.80 12.34 24.29
N GLU A 521 3.08 11.59 25.35
CA GLU A 521 3.89 10.36 25.27
C GLU A 521 3.35 9.43 24.17
N LEU A 522 2.04 9.20 24.19
CA LEU A 522 1.40 8.30 23.23
C LEU A 522 1.36 8.85 21.81
N ARG A 523 0.74 10.02 21.66
CA ARG A 523 0.23 10.52 20.37
C ARG A 523 1.03 10.24 19.08
N GLN A 524 2.35 10.37 19.14
CA GLN A 524 3.21 10.07 17.97
C GLN A 524 3.14 8.60 17.52
N ILE A 525 2.86 7.70 18.47
CA ILE A 525 2.60 6.29 18.18
C ILE A 525 1.16 6.07 17.67
N LEU A 526 0.20 6.76 18.29
CA LEU A 526 -1.23 6.63 17.91
C LEU A 526 -1.51 7.10 16.48
N VAL A 527 -0.85 8.18 16.06
CA VAL A 527 -0.95 8.66 14.69
C VAL A 527 -0.41 7.61 13.72
N PHE A 528 0.75 7.05 14.06
CA PHE A 528 1.38 5.98 13.26
C PHE A 528 0.51 4.73 13.16
N ILE A 529 -0.14 4.33 14.25
CA ILE A 529 -1.09 3.22 14.23
C ILE A 529 -2.33 3.51 13.38
N TRP A 530 -2.92 4.68 13.60
CA TRP A 530 -4.10 5.11 12.83
C TRP A 530 -3.81 5.41 11.34
N THR A 531 -2.57 5.75 11.04
CA THR A 531 -2.13 5.85 9.65
C THR A 531 -2.21 4.47 8.98
N LYS A 532 -1.68 3.46 9.65
CA LYS A 532 -1.58 2.11 9.07
C LYS A 532 -2.94 1.45 8.93
N ILE A 533 -3.82 1.63 9.93
CA ILE A 533 -5.18 1.10 9.91
C ILE A 533 -5.98 1.71 8.75
N LEU A 534 -6.02 3.03 8.67
CA LEU A 534 -6.69 3.74 7.56
C LEU A 534 -6.06 3.53 6.18
N ALA A 535 -4.78 3.15 6.12
CA ALA A 535 -4.11 2.78 4.87
C ALA A 535 -4.71 1.52 4.27
N LEU A 536 -5.02 0.54 5.12
CA LEU A 536 -5.76 -0.66 4.71
C LEU A 536 -7.24 -0.33 4.47
N ASP A 537 -7.98 -0.16 5.56
CA ASP A 537 -9.43 -0.01 5.51
C ASP A 537 -9.80 1.46 5.60
N LYS A 538 -10.17 2.02 4.45
CA LYS A 538 -10.65 3.39 4.34
C LYS A 538 -11.91 3.63 5.19
N SER A 539 -12.75 2.59 5.33
CA SER A 539 -14.11 2.73 5.90
C SER A 539 -14.22 3.16 7.36
N CYS A 540 -13.11 3.18 8.11
CA CYS A 540 -13.12 3.60 9.53
C CYS A 540 -13.43 5.08 9.78
N GLN A 541 -13.41 5.89 8.72
CA GLN A 541 -14.08 7.20 8.65
C GLN A 541 -15.22 7.37 9.65
N ILE A 542 -16.17 6.44 9.53
CA ILE A 542 -17.50 6.58 10.12
C ILE A 542 -17.36 6.55 11.64
N ASP A 543 -16.53 5.65 12.14
CA ASP A 543 -16.31 5.54 13.59
C ASP A 543 -15.51 6.74 14.12
N LEU A 544 -14.37 7.01 13.48
CA LEU A 544 -13.47 8.11 13.86
C LEU A 544 -14.17 9.47 14.03
N VAL A 545 -15.07 9.78 13.11
CA VAL A 545 -15.87 11.00 13.21
C VAL A 545 -16.90 10.87 14.32
N LYS A 546 -17.60 9.73 14.38
CA LYS A 546 -18.66 9.52 15.37
C LYS A 546 -18.21 9.62 16.83
N ASP A 547 -16.94 9.29 17.12
CA ASP A 547 -16.36 9.51 18.46
C ASP A 547 -15.56 10.82 18.60
N GLY A 548 -15.46 11.58 17.51
CA GLY A 548 -14.73 12.84 17.49
C GLY A 548 -13.21 12.66 17.46
N GLY A 549 -12.76 11.53 16.93
CA GLY A 549 -11.33 11.24 16.77
C GLY A 549 -10.64 12.10 15.73
N HIS A 550 -11.42 12.71 14.85
CA HIS A 550 -10.91 13.69 13.86
C HIS A 550 -10.18 14.87 14.51
N THR A 551 -10.68 15.35 15.65
CA THR A 551 -10.02 16.42 16.41
C THR A 551 -8.59 16.07 16.83
N TYR A 552 -8.35 14.80 17.16
CA TYR A 552 -7.03 14.33 17.60
C TYR A 552 -5.89 14.67 16.65
N PHE A 553 -6.14 14.51 15.35
CA PHE A 553 -5.11 14.65 14.32
C PHE A 553 -4.97 16.10 13.87
N ILE A 554 -6.06 16.86 13.97
CA ILE A 554 -6.06 18.28 13.68
C ILE A 554 -5.20 19.03 14.72
N ARG A 555 -5.31 18.61 15.99
CA ARG A 555 -4.38 19.05 17.03
C ARG A 555 -2.96 18.76 16.57
N PHE A 556 -2.73 17.48 16.26
CA PHE A 556 -1.39 17.00 15.90
C PHE A 556 -0.78 17.74 14.70
N LEU A 557 -1.61 18.23 13.78
CA LEU A 557 -1.12 19.12 12.72
C LEU A 557 -0.60 20.44 13.31
N ASP A 558 -1.41 21.08 14.16
CA ASP A 558 -1.02 22.34 14.80
C ASP A 558 -0.02 22.20 15.96
N SER A 559 0.14 20.99 16.48
CA SER A 559 1.00 20.72 17.64
C SER A 559 2.43 21.25 17.47
N SER A 560 3.05 21.61 18.59
CA SER A 560 4.46 22.00 18.62
C SER A 560 5.42 20.81 18.51
N GLY A 561 4.90 19.59 18.74
CA GLY A 561 5.60 18.34 18.50
C GLY A 561 6.09 18.23 17.06
N ALA A 562 7.41 18.20 16.91
CA ALA A 562 8.07 18.42 15.62
C ALA A 562 7.87 17.26 14.63
N PHE A 563 8.71 17.23 13.58
CA PHE A 563 8.83 16.12 12.64
C PHE A 563 7.67 16.23 11.63
N PRO A 564 7.97 16.67 10.37
CA PRO A 564 6.92 16.85 9.36
C PRO A 564 6.44 15.54 8.71
N GLU A 565 7.24 14.48 8.81
CA GLU A 565 6.83 13.13 8.38
C GLU A 565 5.65 12.63 9.21
N GLN A 566 5.70 12.90 10.52
CA GLN A 566 4.56 12.63 11.42
C GLN A 566 3.33 13.48 11.05
N ARG A 567 3.55 14.70 10.56
CA ARG A 567 2.45 15.61 10.18
C ARG A 567 1.81 15.26 8.84
N ALA A 568 2.61 14.74 7.89
CA ALA A 568 2.07 14.20 6.65
C ALA A 568 1.10 13.07 6.95
N MET A 569 1.51 12.16 7.83
CA MET A 569 0.66 11.09 8.37
C MET A 569 -0.64 11.65 8.95
N ALA A 570 -0.52 12.69 9.77
CA ALA A 570 -1.67 13.40 10.34
C ALA A 570 -2.57 13.99 9.25
N ALA A 571 -1.95 14.58 8.22
CA ALA A 571 -2.69 15.15 7.09
C ALA A 571 -3.33 14.07 6.22
N PHE A 572 -2.63 12.95 6.06
CA PHE A 572 -3.15 11.75 5.35
C PHE A 572 -4.33 11.13 6.08
N VAL A 573 -4.16 10.88 7.38
CA VAL A 573 -5.24 10.36 8.21
C VAL A 573 -6.51 11.22 8.10
N LEU A 574 -6.36 12.55 8.04
CA LEU A 574 -7.51 13.44 7.82
C LEU A 574 -8.05 13.37 6.39
N ALA A 575 -7.16 13.30 5.41
CA ALA A 575 -7.57 13.11 4.01
C ALA A 575 -8.54 11.94 3.88
N VAL A 576 -8.21 10.84 4.55
CA VAL A 576 -9.03 9.62 4.50
C VAL A 576 -10.34 9.77 5.30
N ILE A 577 -10.26 10.44 6.46
CA ILE A 577 -11.46 10.75 7.27
C ILE A 577 -12.49 11.55 6.48
N VAL A 578 -12.00 12.48 5.67
CA VAL A 578 -12.82 13.37 4.83
C VAL A 578 -13.33 12.70 3.54
N ASP A 579 -12.50 11.83 2.95
CA ASP A 579 -12.69 11.26 1.59
C ASP A 579 -14.11 10.74 1.31
N GLY A 580 -14.89 11.54 0.57
CA GLY A 580 -16.26 11.16 0.20
C GLY A 580 -17.13 10.86 1.42
N HIS A 581 -17.13 11.80 2.37
CA HIS A 581 -17.74 11.59 3.68
C HIS A 581 -18.19 12.95 4.25
N ARG A 582 -19.38 13.40 3.87
CA ARG A 582 -19.81 14.77 4.18
C ARG A 582 -19.96 15.02 5.67
N ARG A 583 -20.27 13.98 6.45
CA ARG A 583 -20.28 14.07 7.92
C ARG A 583 -18.86 14.41 8.40
N GLY A 584 -17.86 13.75 7.82
CA GLY A 584 -16.45 14.00 8.12
C GLY A 584 -15.91 15.31 7.55
N GLN A 585 -16.43 15.71 6.38
CA GLN A 585 -16.10 17.01 5.79
C GLN A 585 -16.52 18.13 6.73
N GLU A 586 -17.81 18.14 7.06
CA GLU A 586 -18.40 19.15 7.95
C GLU A 586 -17.73 19.21 9.33
N ALA A 587 -17.50 18.05 9.92
CA ALA A 587 -16.91 17.94 11.26
C ALA A 587 -15.44 18.39 11.31
N CYS A 588 -14.74 18.19 10.20
CA CYS A 588 -13.39 18.75 10.03
C CYS A 588 -13.45 20.22 9.65
N LEU A 589 -14.47 20.62 8.89
CA LEU A 589 -14.63 22.02 8.47
C LEU A 589 -14.84 22.92 9.68
N GLU A 590 -15.75 22.51 10.57
CA GLU A 590 -15.95 23.19 11.86
C GLU A 590 -14.65 23.31 12.66
N ALA A 591 -13.85 22.25 12.65
CA ALA A 591 -12.56 22.19 13.37
C ALA A 591 -11.40 22.96 12.70
N ASN A 592 -11.72 23.79 11.69
CA ASN A 592 -10.80 24.77 11.11
C ASN A 592 -9.65 24.13 10.33
N LEU A 593 -9.88 22.92 9.83
CA LEU A 593 -8.87 22.14 9.10
C LEU A 593 -8.38 22.82 7.81
N ILE A 594 -9.19 23.75 7.26
CA ILE A 594 -8.71 24.62 6.18
C ILE A 594 -7.63 25.53 6.74
N GLY A 595 -7.95 26.25 7.81
CA GLY A 595 -7.03 27.18 8.45
C GLY A 595 -5.74 26.55 8.94
N VAL A 596 -5.86 25.35 9.51
CA VAL A 596 -4.69 24.61 10.00
C VAL A 596 -3.74 24.33 8.84
N CYS A 597 -4.29 23.78 7.75
CA CYS A 597 -3.52 23.42 6.57
C CYS A 597 -2.87 24.62 5.91
N LEU A 598 -3.66 25.66 5.64
CA LEU A 598 -3.14 26.86 4.96
C LEU A 598 -2.07 27.61 5.78
N GLY A 599 -2.09 27.46 7.11
CA GLY A 599 -1.03 27.98 7.97
C GLY A 599 0.33 27.34 7.75
N HIS A 600 0.32 26.04 7.46
CA HIS A 600 1.54 25.29 7.14
C HIS A 600 2.08 25.63 5.75
N LEU A 601 1.21 26.05 4.84
CA LEU A 601 1.61 26.49 3.50
C LEU A 601 2.11 27.95 3.55
N GLU A 602 3.31 28.14 4.11
CA GLU A 602 3.99 29.44 4.20
C GLU A 602 5.38 29.28 4.81
N GLU A 612 8.61 20.54 3.82
CA GLU A 612 9.00 19.24 3.28
C GLU A 612 7.96 18.63 2.30
N PRO A 613 8.44 17.86 1.29
CA PRO A 613 7.61 17.54 0.10
C PRO A 613 6.42 16.63 0.38
N LEU A 614 6.65 15.50 1.05
CA LEU A 614 5.57 14.60 1.43
C LEU A 614 4.49 15.32 2.22
N PHE A 615 4.90 16.27 3.07
CA PHE A 615 3.95 17.05 3.86
C PHE A 615 3.17 18.03 2.96
N LEU A 616 3.86 18.67 2.02
CA LEU A 616 3.19 19.54 1.05
C LEU A 616 2.20 18.76 0.20
N GLN A 617 2.67 17.64 -0.35
CA GLN A 617 1.82 16.71 -1.11
C GLN A 617 0.50 16.49 -0.36
N TRP A 618 0.62 16.10 0.90
CA TRP A 618 -0.53 15.71 1.70
C TRP A 618 -1.37 16.86 2.25
N LEU A 619 -0.74 18.03 2.47
CA LEU A 619 -1.52 19.22 2.83
C LEU A 619 -2.51 19.59 1.73
N CYS A 620 -2.09 19.41 0.48
CA CYS A 620 -2.95 19.67 -0.69
C CYS A 620 -4.05 18.62 -0.84
N LEU A 621 -3.68 17.35 -0.72
CA LEU A 621 -4.63 16.23 -0.82
C LEU A 621 -5.67 16.25 0.29
N CYS A 622 -5.29 16.74 1.47
CA CYS A 622 -6.25 16.94 2.55
C CYS A 622 -7.27 18.02 2.18
N LEU A 623 -6.77 19.18 1.77
CA LEU A 623 -7.61 20.29 1.35
C LEU A 623 -8.47 19.95 0.13
N GLY A 624 -7.87 19.27 -0.84
CA GLY A 624 -8.56 18.87 -2.05
C GLY A 624 -9.79 18.05 -1.76
N LYS A 625 -9.64 17.09 -0.86
CA LYS A 625 -10.74 16.25 -0.38
C LYS A 625 -11.76 17.02 0.47
N LEU A 626 -11.27 17.98 1.24
CA LEU A 626 -12.12 18.80 2.12
C LEU A 626 -13.07 19.71 1.33
N TRP A 627 -12.62 20.33 0.23
CA TRP A 627 -13.56 21.10 -0.61
C TRP A 627 -14.50 20.19 -1.41
N GLU A 628 -13.93 19.16 -2.03
CA GLU A 628 -14.57 18.35 -3.10
C GLU A 628 -16.10 18.20 -3.04
N ASP A 629 -16.78 18.86 -3.99
CA ASP A 629 -18.25 18.80 -4.14
C ASP A 629 -19.04 19.26 -2.90
N PHE A 630 -18.38 19.98 -1.99
CA PHE A 630 -18.99 20.47 -0.76
C PHE A 630 -18.70 21.96 -0.70
N MET A 631 -19.66 22.73 -1.22
CA MET A 631 -19.42 24.11 -1.61
C MET A 631 -19.28 25.10 -0.45
N GLU A 632 -19.73 24.73 0.76
CA GLU A 632 -19.47 25.54 1.95
C GLU A 632 -17.97 25.66 2.23
N ALA A 633 -17.25 24.55 2.08
CA ALA A 633 -15.79 24.54 2.20
C ALA A 633 -15.11 25.30 1.06
N GLN A 634 -15.65 25.14 -0.15
CA GLN A 634 -15.17 25.85 -1.34
C GLN A 634 -15.16 27.37 -1.12
N ILE A 635 -16.23 27.88 -0.50
CA ILE A 635 -16.33 29.30 -0.16
C ILE A 635 -15.33 29.67 0.93
N MET A 636 -15.27 28.87 2.00
CA MET A 636 -14.33 29.09 3.11
C MET A 636 -12.88 29.15 2.65
N GLY A 637 -12.55 28.36 1.63
CA GLY A 637 -11.22 28.37 1.01
C GLY A 637 -10.90 29.63 0.24
N ARG A 638 -11.89 30.16 -0.48
CA ARG A 638 -11.75 31.43 -1.23
C ARG A 638 -11.42 32.58 -0.28
N GLU A 639 -12.30 32.81 0.69
CA GLU A 639 -12.10 33.89 1.67
C GLU A 639 -10.99 33.62 2.71
N ALA A 640 -10.39 32.42 2.68
CA ALA A 640 -9.10 32.16 3.33
C ALA A 640 -7.90 32.23 2.36
N ASN A 641 -8.14 32.72 1.14
CA ASN A 641 -7.12 32.84 0.07
C ASN A 641 -6.23 31.61 -0.10
N ALA A 642 -6.87 30.49 -0.43
CA ALA A 642 -6.21 29.19 -0.64
C ALA A 642 -5.57 29.12 -2.02
N PHE A 643 -6.22 29.71 -3.03
CA PHE A 643 -5.63 29.87 -4.36
C PHE A 643 -4.29 30.58 -4.29
N GLU A 644 -4.23 31.61 -3.46
CA GLU A 644 -3.04 32.45 -3.29
C GLU A 644 -1.88 31.66 -2.65
N LYS A 645 -2.21 30.64 -1.84
CA LYS A 645 -1.24 29.79 -1.14
C LYS A 645 -0.93 28.44 -1.80
N LEU A 646 -1.86 27.92 -2.60
CA LEU A 646 -1.68 26.62 -3.28
C LEU A 646 -0.88 26.77 -4.57
N ALA A 647 -1.33 27.70 -5.43
CA ALA A 647 -0.73 27.98 -6.74
C ALA A 647 0.82 28.02 -6.82
N PRO A 648 1.50 28.56 -5.79
CA PRO A 648 2.97 28.46 -5.76
C PRO A 648 3.60 27.04 -5.69
N LEU A 649 2.80 26.03 -5.36
CA LEU A 649 3.23 24.63 -5.40
C LEU A 649 3.16 24.02 -6.80
N LEU A 650 2.56 24.73 -7.75
CA LEU A 650 2.50 24.28 -9.15
C LEU A 650 3.87 24.40 -9.82
N SER A 651 4.79 25.14 -9.18
CA SER A 651 6.18 25.30 -9.66
C SER A 651 7.19 24.38 -8.94
N GLU A 652 6.75 23.62 -7.94
CA GLU A 652 7.69 22.86 -7.12
C GLU A 652 8.37 21.74 -7.89
N PRO A 653 9.64 21.43 -7.56
CA PRO A 653 10.41 20.40 -8.27
C PRO A 653 9.80 18.99 -8.27
N GLN A 654 9.00 18.66 -7.26
CA GLN A 654 8.45 17.32 -7.12
C GLN A 654 7.12 17.25 -7.89
N PRO A 655 7.00 16.33 -8.88
CA PRO A 655 5.71 16.16 -9.58
C PRO A 655 4.55 15.79 -8.65
N GLU A 656 4.87 15.00 -7.63
CA GLU A 656 3.90 14.52 -6.64
C GLU A 656 3.23 15.68 -5.92
N VAL A 657 4.00 16.73 -5.63
CA VAL A 657 3.46 17.97 -5.02
C VAL A 657 2.56 18.68 -6.03
N ARG A 658 3.12 19.02 -7.18
CA ARG A 658 2.40 19.72 -8.26
C ARG A 658 1.09 19.07 -8.68
N ALA A 659 1.10 17.74 -8.81
CA ALA A 659 -0.09 16.97 -9.16
C ALA A 659 -1.14 17.04 -8.06
N ALA A 660 -0.69 16.97 -6.81
CA ALA A 660 -1.57 17.17 -5.66
C ALA A 660 -2.09 18.61 -5.59
N ALA A 661 -1.25 19.59 -5.91
CA ALA A 661 -1.65 20.99 -5.97
C ALA A 661 -2.74 21.22 -7.04
N VAL A 662 -2.56 20.64 -8.23
CA VAL A 662 -3.58 20.69 -9.28
C VAL A 662 -4.90 20.06 -8.83
N PHE A 663 -4.81 18.97 -8.07
CA PHE A 663 -6.00 18.30 -7.53
C PHE A 663 -6.82 19.23 -6.64
N ALA A 664 -6.14 19.89 -5.71
CA ALA A 664 -6.77 20.80 -4.75
C ALA A 664 -7.48 21.98 -5.42
N LEU A 665 -6.80 22.62 -6.38
CA LEU A 665 -7.40 23.71 -7.17
C LEU A 665 -8.55 23.23 -8.06
N GLY A 666 -8.39 22.04 -8.66
CA GLY A 666 -9.44 21.43 -9.48
C GLY A 666 -10.75 21.18 -8.73
N THR A 667 -10.63 20.73 -7.49
CA THR A 667 -11.77 20.46 -6.61
C THR A 667 -12.37 21.72 -5.94
N LEU A 668 -11.67 22.84 -6.00
CA LEU A 668 -12.24 24.15 -5.61
C LEU A 668 -13.31 24.68 -6.58
N LEU A 669 -13.37 24.10 -7.78
CA LEU A 669 -14.37 24.48 -8.78
C LEU A 669 -15.74 23.88 -8.45
N ASP A 670 -16.77 24.33 -9.18
CA ASP A 670 -18.21 24.07 -8.90
C ASP A 670 -18.64 24.83 -7.65
N GLU A 683 -22.86 35.39 -19.56
CA GLU A 683 -22.58 36.66 -20.22
C GLU A 683 -21.46 37.42 -19.46
N PHE A 684 -21.67 38.70 -19.11
CA PHE A 684 -20.68 39.50 -18.39
C PHE A 684 -21.14 39.75 -16.95
N ASP A 685 -20.69 38.90 -16.03
CA ASP A 685 -20.98 39.00 -14.60
C ASP A 685 -19.72 38.68 -13.78
N ASP A 686 -19.55 39.38 -12.66
CA ASP A 686 -18.44 39.17 -11.73
C ASP A 686 -18.97 39.09 -10.30
N ASP A 687 -19.06 37.86 -9.79
CA ASP A 687 -19.24 37.62 -8.36
C ASP A 687 -17.97 36.93 -7.88
N GLU A 688 -17.56 37.28 -6.66
CA GLU A 688 -16.47 36.63 -5.91
C GLU A 688 -15.88 35.35 -6.55
N LYS A 689 -16.74 34.36 -6.81
CA LYS A 689 -16.33 33.05 -7.35
C LYS A 689 -15.82 33.06 -8.80
N ILE A 690 -16.38 33.91 -9.66
CA ILE A 690 -15.91 34.01 -11.08
C ILE A 690 -14.46 34.47 -11.14
N ARG A 691 -14.10 35.42 -10.28
CA ARG A 691 -12.72 35.89 -10.16
C ARG A 691 -11.80 34.74 -9.75
N ALA A 692 -12.22 33.98 -8.75
CA ALA A 692 -11.48 32.78 -8.31
C ALA A 692 -11.41 31.73 -9.41
N GLU A 693 -12.58 31.30 -9.90
CA GLU A 693 -12.66 30.21 -10.89
C GLU A 693 -11.97 30.53 -12.22
N ASP A 694 -11.86 31.81 -12.58
CA ASP A 694 -11.02 32.22 -13.72
C ASP A 694 -9.54 32.16 -13.39
N ALA A 695 -9.16 32.80 -12.28
CA ALA A 695 -7.77 32.78 -11.80
C ALA A 695 -7.23 31.36 -11.57
N ILE A 696 -8.11 30.47 -11.10
CA ILE A 696 -7.79 29.05 -10.95
C ILE A 696 -7.47 28.43 -12.30
N ILE A 697 -8.46 28.41 -13.20
CA ILE A 697 -8.31 27.68 -14.46
C ILE A 697 -7.08 28.16 -15.24
N LYS A 698 -6.83 29.47 -15.24
CA LYS A 698 -5.62 30.02 -15.89
C LYS A 698 -4.35 29.43 -15.29
N SER A 699 -4.27 29.42 -13.96
CA SER A 699 -3.09 28.86 -13.27
C SER A 699 -2.95 27.35 -13.48
N LEU A 700 -4.06 26.65 -13.75
CA LEU A 700 -4.03 25.23 -14.14
C LEU A 700 -3.64 25.04 -15.59
N LEU A 701 -4.13 25.91 -16.46
CA LEU A 701 -3.81 25.83 -17.89
C LEU A 701 -2.31 26.05 -18.16
N ASP A 702 -1.65 26.85 -17.33
CA ASP A 702 -0.17 26.98 -17.33
C ASP A 702 0.53 25.62 -17.25
N VAL A 703 -0.07 24.69 -16.51
CA VAL A 703 0.54 23.40 -16.19
C VAL A 703 0.03 22.27 -17.14
N VAL A 704 -0.73 22.62 -18.17
CA VAL A 704 -1.17 21.64 -19.17
C VAL A 704 0.00 21.00 -19.90
N SER A 705 1.03 21.81 -20.17
CA SER A 705 2.22 21.35 -20.88
C SER A 705 3.34 20.81 -19.95
N ASP A 706 3.01 20.48 -18.70
CA ASP A 706 3.97 19.95 -17.71
C ASP A 706 4.69 18.68 -18.19
N GLY A 707 5.93 18.48 -17.75
CA GLY A 707 6.74 17.34 -18.21
C GLY A 707 6.44 15.99 -17.58
N SER A 708 5.58 15.98 -16.56
CA SER A 708 5.12 14.75 -15.91
C SER A 708 3.69 14.42 -16.36
N PRO A 709 3.47 13.18 -16.83
CA PRO A 709 2.12 12.66 -17.05
C PRO A 709 1.25 12.78 -15.79
N LEU A 710 1.81 12.40 -14.64
CA LEU A 710 1.14 12.53 -13.35
C LEU A 710 0.41 13.85 -13.20
N VAL A 711 1.09 14.94 -13.58
CA VAL A 711 0.55 16.28 -13.46
C VAL A 711 -0.51 16.52 -14.54
N ARG A 712 -0.16 16.24 -15.79
CA ARG A 712 -1.06 16.42 -16.93
C ARG A 712 -2.36 15.64 -16.80
N ALA A 713 -2.26 14.43 -16.23
CA ALA A 713 -3.43 13.63 -15.91
C ALA A 713 -4.37 14.40 -14.98
N GLU A 714 -3.81 15.03 -13.95
CA GLU A 714 -4.58 15.85 -13.01
C GLU A 714 -5.16 17.14 -13.61
N VAL A 715 -4.40 17.77 -14.50
CA VAL A 715 -4.86 19.00 -15.16
C VAL A 715 -6.04 18.69 -16.07
N ALA A 716 -5.96 17.57 -16.78
CA ALA A 716 -7.05 17.14 -17.68
C ALA A 716 -8.34 16.81 -16.93
N VAL A 717 -8.21 16.29 -15.71
CA VAL A 717 -9.37 15.96 -14.87
C VAL A 717 -10.02 17.24 -14.32
N ALA A 718 -9.19 18.16 -13.83
CA ALA A 718 -9.66 19.47 -13.36
C ALA A 718 -10.24 20.33 -14.48
N LEU A 719 -9.76 20.13 -15.69
CA LEU A 719 -10.34 20.79 -16.87
C LEU A 719 -11.70 20.16 -17.20
N ALA A 720 -11.80 18.83 -17.09
CA ALA A 720 -13.08 18.10 -17.27
C ALA A 720 -14.15 18.58 -16.31
N ARG A 721 -13.77 18.73 -15.04
CA ARG A 721 -14.67 19.29 -14.01
C ARG A 721 -15.17 20.67 -14.41
N PHE A 722 -14.23 21.59 -14.68
CA PHE A 722 -14.53 22.92 -15.20
C PHE A 722 -15.40 22.90 -16.46
N ALA A 723 -15.10 21.97 -17.36
CA ALA A 723 -15.77 21.83 -18.65
C ALA A 723 -17.24 21.48 -18.51
N PHE A 724 -17.53 20.60 -17.57
CA PHE A 724 -18.89 20.19 -17.23
C PHE A 724 -19.79 21.41 -16.98
N GLY A 725 -19.33 22.30 -16.10
CA GLY A 725 -20.09 23.50 -15.72
C GLY A 725 -20.17 24.62 -16.74
N HIS A 726 -19.29 24.60 -17.75
CA HIS A 726 -19.22 25.66 -18.77
C HIS A 726 -19.33 25.11 -20.20
N LYS A 727 -20.18 24.10 -20.39
CA LYS A 727 -20.49 23.57 -21.73
C LYS A 727 -20.89 24.69 -22.68
N GLN A 728 -21.86 25.49 -22.22
CA GLN A 728 -22.44 26.62 -22.96
C GLN A 728 -21.39 27.45 -23.68
N HIS A 729 -20.41 27.92 -22.92
CA HIS A 729 -19.36 28.78 -23.43
C HIS A 729 -18.38 28.00 -24.31
N LEU A 730 -17.92 26.86 -23.79
CA LEU A 730 -16.88 26.05 -24.44
C LEU A 730 -17.30 25.43 -25.77
N LYS A 731 -18.61 25.24 -25.96
CA LYS A 731 -19.16 24.88 -27.30
C LYS A 731 -19.05 26.04 -28.29
N LEU A 732 -19.44 27.24 -27.86
CA LEU A 732 -19.28 28.44 -28.69
C LEU A 732 -17.81 28.74 -29.00
N ALA A 733 -16.91 28.38 -28.08
CA ALA A 733 -15.47 28.44 -28.32
C ALA A 733 -15.00 27.43 -29.39
N ALA A 734 -15.59 26.24 -29.37
CA ALA A 734 -15.32 25.21 -30.39
C ALA A 734 -15.91 25.52 -31.78
N ALA A 735 -16.86 26.44 -31.86
CA ALA A 735 -17.44 26.88 -33.13
C ALA A 735 -16.45 27.71 -33.95
N SER A 736 -15.98 28.80 -33.35
CA SER A 736 -15.08 29.76 -34.03
C SER A 736 -13.63 29.26 -34.20
N TYR A 737 -13.18 28.38 -33.31
CA TYR A 737 -11.85 27.76 -33.40
C TYR A 737 -11.78 26.76 -34.57
N TRP A 738 -12.82 25.93 -34.68
CA TRP A 738 -12.98 24.98 -35.79
C TRP A 738 -13.43 25.69 -37.06
N ALA A 834 -13.34 35.01 -23.64
CA ALA A 834 -12.03 35.37 -23.09
C ALA A 834 -11.17 34.12 -22.74
N VAL A 835 -11.46 33.50 -21.60
CA VAL A 835 -10.64 32.40 -21.04
C VAL A 835 -11.06 31.02 -21.59
N TYR A 836 -12.18 31.00 -22.31
CA TYR A 836 -12.74 29.74 -22.83
C TYR A 836 -11.99 29.26 -24.07
N SER A 837 -11.56 30.20 -24.91
CA SER A 837 -10.69 29.89 -26.05
C SER A 837 -9.31 29.33 -25.61
N GLN A 838 -8.86 29.70 -24.41
CA GLN A 838 -7.66 29.10 -23.81
C GLN A 838 -7.89 27.62 -23.48
N CYS A 839 -9.03 27.30 -22.86
CA CYS A 839 -9.38 25.92 -22.51
C CYS A 839 -9.42 24.96 -23.70
N VAL A 840 -10.07 25.38 -24.78
CA VAL A 840 -10.28 24.53 -25.97
C VAL A 840 -8.95 24.19 -26.68
N ARG A 841 -8.02 25.13 -26.72
CA ARG A 841 -6.66 24.82 -27.15
C ARG A 841 -6.11 23.67 -26.35
N ALA A 842 -6.16 23.81 -25.03
CA ALA A 842 -5.60 22.83 -24.09
C ALA A 842 -6.28 21.46 -24.13
N MET A 843 -7.55 21.40 -24.51
CA MET A 843 -8.26 20.13 -24.68
C MET A 843 -7.72 19.36 -25.86
N PHE A 844 -7.66 20.02 -27.02
CA PHE A 844 -7.08 19.44 -28.24
C PHE A 844 -5.59 19.15 -28.11
N ALA A 845 -4.90 19.92 -27.27
CA ALA A 845 -3.50 19.66 -26.92
C ALA A 845 -3.37 18.36 -26.14
N LEU A 846 -4.19 18.23 -25.10
CA LEU A 846 -4.30 17.00 -24.31
C LEU A 846 -4.73 15.82 -25.17
N ALA A 847 -5.68 16.04 -26.07
CA ALA A 847 -6.15 14.96 -26.94
C ALA A 847 -5.03 14.35 -27.79
N LYS A 848 -4.03 15.15 -28.17
CA LYS A 848 -2.87 14.68 -28.94
C LYS A 848 -1.58 14.70 -28.09
N ASP A 849 -1.71 14.31 -26.82
CA ASP A 849 -0.58 14.18 -25.91
C ASP A 849 0.15 12.87 -26.25
N PRO A 850 1.50 12.81 -26.05
CA PRO A 850 2.20 11.56 -26.27
C PRO A 850 1.69 10.41 -25.39
N SER A 851 1.69 10.61 -24.06
CA SER A 851 1.30 9.57 -23.12
C SER A 851 -0.16 9.22 -23.31
N PRO A 852 -0.46 8.02 -23.87
CA PRO A 852 -1.82 7.76 -24.37
C PRO A 852 -2.93 7.82 -23.32
N ARG A 853 -2.58 7.60 -22.06
CA ARG A 853 -3.54 7.74 -20.98
C ARG A 853 -3.92 9.21 -20.74
N ILE A 854 -2.99 10.13 -20.97
CA ILE A 854 -3.31 11.56 -20.92
C ILE A 854 -4.12 11.91 -22.16
N ALA A 855 -3.76 11.30 -23.28
CA ALA A 855 -4.46 11.52 -24.54
C ALA A 855 -5.92 11.12 -24.46
N SER A 856 -6.18 9.89 -24.01
CA SER A 856 -7.55 9.40 -23.88
C SER A 856 -8.36 10.17 -22.82
N LEU A 857 -7.69 10.85 -21.88
CA LEU A 857 -8.37 11.80 -20.96
C LEU A 857 -8.78 13.08 -21.67
N GLY A 858 -7.93 13.58 -22.56
CA GLY A 858 -8.25 14.77 -23.34
C GLY A 858 -9.38 14.53 -24.31
N ARG A 859 -9.43 13.32 -24.86
CA ARG A 859 -10.51 12.89 -25.72
C ARG A 859 -11.84 12.79 -24.96
N ARG A 860 -11.78 12.37 -23.69
CA ARG A 860 -12.95 12.39 -22.79
C ARG A 860 -13.48 13.83 -22.56
N VAL A 861 -12.57 14.76 -22.30
CA VAL A 861 -12.92 16.17 -22.08
C VAL A 861 -13.63 16.72 -23.32
N LEU A 862 -13.07 16.43 -24.49
CA LEU A 862 -13.66 16.80 -25.77
C LEU A 862 -15.08 16.28 -25.96
N SER A 863 -15.34 15.06 -25.51
CA SER A 863 -16.67 14.46 -25.62
C SER A 863 -17.67 15.04 -24.61
N ILE A 864 -17.19 15.52 -23.46
CA ILE A 864 -18.05 16.22 -22.48
C ILE A 864 -18.62 17.52 -23.07
N ILE A 865 -17.83 18.16 -23.93
CA ILE A 865 -18.18 19.40 -24.64
C ILE A 865 -19.06 19.13 -25.87
N GLY A 866 -18.97 17.94 -26.45
CA GLY A 866 -19.72 17.58 -27.65
C GLY A 866 -18.91 17.80 -28.91
N ILE A 867 -17.67 17.31 -28.89
CA ILE A 867 -16.76 17.30 -30.03
C ILE A 867 -16.42 15.82 -30.26
N GLU A 868 -16.62 15.33 -31.47
CA GLU A 868 -16.37 13.91 -31.80
C GLU A 868 -16.28 13.65 -33.31
N GLU A 900 -25.09 11.38 -15.38
CA GLU A 900 -24.52 12.38 -16.29
C GLU A 900 -23.16 12.93 -15.85
N ARG A 901 -23.00 13.17 -14.55
CA ARG A 901 -21.68 13.40 -13.92
C ARG A 901 -20.77 12.18 -14.11
N SER A 902 -21.36 10.99 -14.00
CA SER A 902 -20.69 9.68 -14.20
C SER A 902 -19.73 9.61 -15.38
N LEU A 903 -19.99 10.41 -16.42
CA LEU A 903 -19.10 10.54 -17.57
C LEU A 903 -17.76 11.22 -17.26
N LEU A 904 -17.70 12.04 -16.21
CA LEU A 904 -16.44 12.73 -15.84
C LEU A 904 -15.36 11.77 -15.44
N PRO A 905 -14.13 11.97 -15.95
CA PRO A 905 -13.00 11.17 -15.47
C PRO A 905 -12.65 11.57 -14.05
N LEU A 906 -11.99 10.67 -13.33
CA LEU A 906 -11.76 10.84 -11.90
C LEU A 906 -10.26 10.92 -11.57
N SER A 907 -9.92 11.87 -10.71
CA SER A 907 -8.53 12.07 -10.25
C SER A 907 -7.97 10.81 -9.62
N THR A 908 -6.68 10.58 -9.89
CA THR A 908 -5.97 9.39 -9.44
C THR A 908 -4.84 9.65 -8.41
N ILE A 909 -4.37 10.90 -8.32
CA ILE A 909 -3.23 11.31 -7.44
C ILE A 909 -3.42 10.97 -5.97
N TYR A 910 -4.64 11.12 -5.47
CA TYR A 910 -4.95 10.75 -4.09
C TYR A 910 -4.67 9.26 -3.91
N GLY A 911 -5.33 8.46 -4.74
CA GLY A 911 -5.27 7.00 -4.66
C GLY A 911 -3.88 6.39 -4.69
N TRP A 912 -3.04 6.93 -5.56
CA TRP A 912 -1.64 6.47 -5.68
C TRP A 912 -0.80 6.85 -4.47
N SER A 913 -0.95 8.09 -4.00
CA SER A 913 -0.20 8.58 -2.85
C SER A 913 -0.48 7.75 -1.59
N CYS A 914 -1.75 7.39 -1.38
CA CYS A 914 -2.17 6.60 -0.21
C CYS A 914 -1.42 5.26 -0.08
N GLY A 915 -1.03 4.68 -1.21
CA GLY A 915 -0.21 3.47 -1.24
C GLY A 915 1.15 3.56 -0.58
N HIS A 916 1.66 4.78 -0.39
CA HIS A 916 2.89 5.02 0.37
C HIS A 916 2.81 4.47 1.78
N PHE A 917 1.68 4.72 2.45
CA PHE A 917 1.54 4.35 3.86
C PHE A 917 1.29 2.86 4.04
N SER A 918 0.48 2.27 3.16
CA SER A 918 0.28 0.82 3.15
C SER A 918 1.51 0.13 2.55
N LYS A 919 2.59 0.12 3.33
CA LYS A 919 3.93 -0.24 2.87
C LYS A 919 4.87 0.20 3.97
N PRO A 920 5.81 -0.67 4.42
CA PRO A 920 6.60 -0.36 5.63
C PRO A 920 7.39 0.96 5.58
N LEU A 921 7.57 1.61 6.72
CA LEU A 921 8.21 2.93 6.84
C LEU A 921 9.40 2.94 7.81
N SER A 928 19.23 -3.30 -3.06
CA SER A 928 20.09 -2.82 -1.97
C SER A 928 21.58 -3.03 -2.28
N GLN A 929 22.08 -4.25 -2.07
CA GLN A 929 23.50 -4.59 -2.27
C GLN A 929 23.83 -4.97 -3.71
N GLU A 930 22.91 -5.68 -4.37
CA GLU A 930 23.04 -6.00 -5.79
C GLU A 930 22.83 -4.78 -6.72
N ILE A 931 22.24 -3.70 -6.18
CA ILE A 931 22.16 -2.42 -6.90
C ILE A 931 23.56 -1.96 -7.31
N ALA A 932 24.45 -1.88 -6.32
CA ALA A 932 25.83 -1.46 -6.54
C ALA A 932 26.70 -2.48 -7.30
N ALA A 933 26.32 -3.76 -7.25
CA ALA A 933 27.10 -4.84 -7.88
C ALA A 933 27.21 -4.68 -9.39
N LYS A 934 26.08 -4.63 -10.08
CA LYS A 934 26.04 -4.40 -11.52
C LYS A 934 26.33 -2.95 -11.91
N ARG A 935 26.29 -2.04 -10.93
CA ARG A 935 26.73 -0.66 -11.12
C ARG A 935 28.24 -0.59 -11.28
N GLU A 936 28.97 -1.24 -10.37
CA GLU A 936 30.44 -1.29 -10.44
C GLU A 936 30.95 -2.18 -11.58
N GLU A 937 30.16 -3.22 -11.93
CA GLU A 937 30.41 -4.07 -13.11
C GLU A 937 30.63 -3.22 -14.37
N LYS A 938 29.66 -2.35 -14.63
CA LYS A 938 29.67 -1.51 -15.82
C LYS A 938 30.73 -0.41 -15.75
N GLU A 939 30.92 0.17 -14.57
CA GLU A 939 31.96 1.19 -14.34
C GLU A 939 33.39 0.68 -14.59
N LYS A 940 33.68 -0.52 -14.09
CA LYS A 940 34.97 -1.20 -14.32
C LYS A 940 35.22 -1.45 -15.81
N PHE A 941 34.23 -2.07 -16.46
CA PHE A 941 34.24 -2.32 -17.91
C PHE A 941 34.44 -1.01 -18.68
N ALA A 942 33.73 0.03 -18.26
CA ALA A 942 33.80 1.33 -18.91
C ALA A 942 35.18 1.95 -18.80
N LEU A 943 35.66 2.12 -17.57
CA LEU A 943 36.99 2.68 -17.30
C LEU A 943 38.09 1.95 -18.08
N GLU A 944 38.03 0.62 -18.06
CA GLU A 944 38.96 -0.22 -18.82
C GLU A 944 38.87 0.05 -20.33
N HIS A 945 37.66 0.11 -20.86
CA HIS A 945 37.44 0.35 -22.30
C HIS A 945 37.47 1.82 -22.73
N ILE A 946 37.47 2.75 -21.78
CA ILE A 946 37.80 4.15 -22.06
C ILE A 946 39.29 4.24 -22.40
N ALA A 947 40.12 3.76 -21.48
CA ALA A 947 41.57 3.70 -21.68
C ALA A 947 41.94 2.99 -22.99
N LYS A 948 41.35 1.81 -23.20
CA LYS A 948 41.61 1.00 -24.40
C LYS A 948 41.21 1.68 -25.71
N CYS A 949 40.24 2.57 -25.66
CA CYS A 949 39.87 3.36 -26.81
C CYS A 949 40.92 4.44 -27.11
N GLN A 950 41.32 5.16 -26.06
CA GLN A 950 42.30 6.25 -26.17
C GLN A 950 43.67 5.77 -26.58
N HIS A 951 44.19 4.80 -25.82
CA HIS A 951 45.60 4.40 -25.88
C HIS A 951 45.96 3.36 -26.93
N SER A 952 44.96 2.71 -27.52
CA SER A 952 45.21 1.78 -28.64
C SER A 952 45.55 2.55 -29.91
N SER A 953 46.59 2.10 -30.61
CA SER A 953 46.91 2.61 -31.95
C SER A 953 45.92 1.97 -32.90
N ILE A 954 44.84 2.68 -33.20
CA ILE A 954 43.73 2.14 -33.99
C ILE A 954 44.16 2.04 -35.44
N SER A 955 44.01 0.83 -35.98
CA SER A 955 44.43 0.51 -37.35
C SER A 955 43.30 0.84 -38.35
N LYS A 956 43.51 0.48 -39.61
CA LYS A 956 42.51 0.70 -40.67
C LYS A 956 41.24 -0.12 -40.48
N LEU A 957 40.17 0.32 -41.13
CA LEU A 957 38.85 -0.29 -41.01
C LEU A 957 38.81 -1.64 -41.72
N ASN A 958 38.29 -2.66 -41.03
CA ASN A 958 38.05 -3.97 -41.62
C ASN A 958 36.75 -3.88 -42.43
N ASN A 959 36.88 -3.87 -43.76
CA ASN A 959 35.74 -3.69 -44.67
C ASN A 959 34.80 -4.91 -44.69
N ASN A 960 35.30 -6.08 -44.24
CA ASN A 960 34.46 -7.25 -43.94
C ASN A 960 33.49 -6.93 -42.79
N PRO A 961 32.18 -6.76 -43.11
CA PRO A 961 31.25 -6.41 -42.03
C PRO A 961 30.88 -7.60 -41.14
N ILE A 962 30.44 -7.31 -39.92
CA ILE A 962 29.90 -8.31 -38.99
C ILE A 962 28.35 -8.25 -38.97
N ALA A 963 27.75 -7.73 -40.04
CA ALA A 963 26.34 -7.97 -40.44
C ALA A 963 25.96 -7.09 -41.65
N ASN A 964 24.85 -7.45 -42.30
CA ASN A 964 24.16 -6.58 -43.28
C ASN A 964 22.66 -6.84 -43.11
N TRP A 965 22.15 -6.40 -41.96
CA TRP A 965 20.86 -6.87 -41.44
C TRP A 965 19.64 -6.23 -42.10
N ASP A 966 18.74 -7.09 -42.57
CA ASP A 966 17.46 -6.68 -43.16
C ASP A 966 16.45 -6.32 -42.06
N THR A 967 16.21 -5.01 -41.91
CA THR A 967 15.15 -4.51 -41.02
C THR A 967 13.73 -4.84 -41.51
N ARG A 968 13.58 -4.89 -42.84
CA ARG A 968 12.30 -4.81 -43.56
C ARG A 968 11.63 -3.42 -43.45
N PHE A 969 12.44 -2.38 -43.26
CA PHE A 969 11.95 -1.00 -43.35
C PHE A 969 11.86 -0.67 -44.83
N GLU A 970 10.65 -0.41 -45.33
CA GLU A 970 10.41 -0.21 -46.76
C GLU A 970 11.18 1.00 -47.30
N THR A 971 11.09 2.14 -46.61
CA THR A 971 11.88 3.33 -46.97
C THR A 971 13.31 3.25 -46.45
N GLY A 972 13.52 2.51 -45.35
CA GLY A 972 14.87 2.23 -44.82
C GLY A 972 15.13 2.81 -43.44
N THR A 973 16.32 2.53 -42.93
CA THR A 973 16.74 2.94 -41.57
C THR A 973 17.12 4.43 -41.53
N LYS A 974 16.58 5.14 -40.53
CA LYS A 974 16.81 6.58 -40.36
C LYS A 974 17.68 6.97 -39.16
N THR A 975 17.77 6.11 -38.13
CA THR A 975 18.73 6.32 -37.04
C THR A 975 18.93 5.05 -36.25
N ALA A 976 20.15 4.87 -35.72
CA ALA A 976 20.54 3.66 -35.00
C ALA A 976 21.32 4.00 -33.73
N LEU A 977 21.54 3.00 -32.87
CA LEU A 977 22.12 3.22 -31.54
C LEU A 977 22.72 1.94 -30.94
N LEU A 978 24.06 1.84 -30.98
CA LEU A 978 24.75 0.67 -30.42
C LEU A 978 24.75 0.72 -28.89
N HIS A 979 24.51 -0.44 -28.28
CA HIS A 979 24.42 -0.54 -26.82
C HIS A 979 25.82 -0.73 -26.23
N PRO A 980 26.14 -0.05 -25.12
CA PRO A 980 27.48 -0.16 -24.51
C PRO A 980 27.84 -1.54 -23.98
N PHE A 981 27.05 -2.03 -23.01
CA PHE A 981 27.40 -3.21 -22.23
C PHE A 981 26.80 -4.55 -22.71
N SER A 982 26.25 -4.59 -23.92
CA SER A 982 25.64 -5.82 -24.43
C SER A 982 25.56 -5.79 -25.97
N PRO A 983 25.39 -6.97 -26.61
CA PRO A 983 25.52 -7.03 -28.06
C PRO A 983 24.25 -6.62 -28.84
N ILE A 984 23.84 -5.37 -28.68
CA ILE A 984 22.53 -4.90 -29.18
C ILE A 984 22.68 -3.69 -30.13
N VAL A 985 21.80 -3.68 -31.15
CA VAL A 985 21.56 -2.52 -32.01
C VAL A 985 20.10 -2.16 -31.83
N VAL A 986 19.80 -0.87 -31.71
CA VAL A 986 18.44 -0.37 -31.80
C VAL A 986 18.39 0.43 -33.10
N ALA A 987 17.34 0.22 -33.90
CA ALA A 987 17.17 0.94 -35.17
C ALA A 987 15.82 1.64 -35.18
N ALA A 988 15.62 2.57 -36.12
CA ALA A 988 14.36 3.30 -36.22
C ALA A 988 13.91 3.59 -37.66
N ASP A 989 12.67 3.23 -37.95
CA ASP A 989 12.03 3.49 -39.25
C ASP A 989 11.74 4.99 -39.40
N GLU A 990 11.33 5.40 -40.60
CA GLU A 990 10.87 6.79 -40.82
C GLU A 990 9.49 7.07 -40.25
N ASN A 991 8.79 6.03 -39.80
CA ASN A 991 7.52 6.16 -39.06
C ASN A 991 7.62 5.65 -37.60
N GLU A 992 8.85 5.61 -37.08
CA GLU A 992 9.17 5.35 -35.66
C GLU A 992 8.93 3.91 -35.16
N ARG A 993 8.87 2.93 -36.08
CA ARG A 993 8.94 1.52 -35.68
C ARG A 993 10.33 1.31 -35.11
N ILE A 994 10.45 0.48 -34.08
CA ILE A 994 11.72 0.26 -33.39
C ILE A 994 12.04 -1.23 -33.33
N ARG A 995 13.23 -1.60 -33.80
CA ARG A 995 13.73 -2.96 -33.70
C ARG A 995 14.89 -3.00 -32.73
N VAL A 996 15.15 -4.16 -32.16
CA VAL A 996 16.25 -4.35 -31.21
C VAL A 996 17.07 -5.56 -31.67
N TRP A 997 17.83 -5.37 -32.76
CA TRP A 997 18.59 -6.45 -33.38
C TRP A 997 19.85 -6.80 -32.59
N ASN A 998 20.05 -8.09 -32.34
CA ASN A 998 21.29 -8.61 -31.77
C ASN A 998 22.25 -8.95 -32.92
N TYR A 999 23.52 -8.56 -32.76
CA TYR A 999 24.57 -8.82 -33.76
C TYR A 999 25.44 -10.04 -33.45
N GLU A 1000 25.54 -10.40 -32.17
CA GLU A 1000 26.31 -11.57 -31.73
C GLU A 1000 25.49 -12.86 -31.83
N GLU A 1001 24.16 -12.71 -31.83
CA GLU A 1001 23.20 -13.82 -32.01
C GLU A 1001 22.56 -13.86 -33.40
N ALA A 1002 22.70 -12.78 -34.18
CA ALA A 1002 21.98 -12.57 -35.48
C ALA A 1002 20.44 -12.59 -35.34
N THR A 1003 19.95 -12.22 -34.16
CA THR A 1003 18.56 -12.42 -33.76
C THR A 1003 17.88 -11.09 -33.43
N LEU A 1004 16.58 -10.98 -33.72
CA LEU A 1004 15.76 -9.89 -33.15
C LEU A 1004 15.60 -10.12 -31.66
N LEU A 1005 15.59 -9.04 -30.89
CA LEU A 1005 15.16 -9.10 -29.49
C LEU A 1005 13.74 -8.54 -29.31
N ASN A 1006 13.36 -7.50 -30.06
CA ASN A 1006 12.00 -6.93 -30.00
C ASN A 1006 11.63 -6.04 -31.19
N GLY A 1007 10.33 -5.78 -31.33
CA GLY A 1007 9.77 -4.82 -32.31
C GLY A 1007 8.83 -3.83 -31.61
N PHE A 1008 8.35 -2.84 -32.35
CA PHE A 1008 7.66 -1.66 -31.77
C PHE A 1008 6.79 -0.90 -32.77
N ASP A 1009 6.01 0.02 -32.22
CA ASP A 1009 5.43 1.13 -32.94
C ASP A 1009 5.38 2.29 -31.94
N ASN A 1010 6.45 3.08 -31.87
CA ASN A 1010 6.48 4.26 -30.99
C ASN A 1010 5.37 5.23 -31.42
N HIS A 1011 4.22 5.13 -30.76
CA HIS A 1011 3.02 5.96 -31.01
C HIS A 1011 2.20 5.61 -32.27
N ASP A 1012 0.88 5.51 -32.08
CA ASP A 1012 -0.06 5.15 -33.16
C ASP A 1012 -0.55 6.34 -34.02
N PHE A 1013 -0.12 7.56 -33.72
CA PHE A 1013 -0.58 8.77 -34.42
C PHE A 1013 -0.23 8.73 -35.92
N PRO A 1014 -1.03 9.42 -36.77
CA PRO A 1014 -0.83 9.36 -38.23
C PRO A 1014 0.40 10.12 -38.73
N ASP A 1015 0.67 11.30 -38.17
CA ASP A 1015 1.87 12.06 -38.50
C ASP A 1015 3.06 11.46 -37.76
N LYS A 1016 3.89 10.73 -38.49
CA LYS A 1016 5.08 10.09 -37.94
C LYS A 1016 6.33 10.90 -38.31
N GLY A 1017 7.46 10.50 -37.74
CA GLY A 1017 8.76 11.11 -38.04
C GLY A 1017 9.71 10.94 -36.88
N ILE A 1018 10.86 10.30 -37.12
CA ILE A 1018 11.84 9.99 -36.07
C ILE A 1018 12.89 11.10 -35.99
N SER A 1019 13.29 11.47 -34.78
CA SER A 1019 14.38 12.43 -34.54
C SER A 1019 15.62 11.82 -33.85
N LYS A 1020 15.45 11.21 -32.67
CA LYS A 1020 16.57 10.78 -31.81
C LYS A 1020 16.34 9.46 -31.11
N LEU A 1021 17.42 8.67 -31.02
CA LEU A 1021 17.51 7.55 -30.10
C LEU A 1021 18.66 7.81 -29.14
N CYS A 1022 18.42 7.55 -27.86
CA CYS A 1022 19.42 7.71 -26.81
C CYS A 1022 19.20 6.65 -25.76
N LEU A 1023 20.23 6.40 -24.96
CA LEU A 1023 20.08 5.62 -23.74
C LEU A 1023 20.06 6.55 -22.56
N ILE A 1024 19.34 6.15 -21.51
CA ILE A 1024 19.27 6.91 -20.27
C ILE A 1024 19.60 5.96 -19.12
N ASN A 1025 20.48 6.40 -18.23
CA ASN A 1025 20.99 5.61 -17.11
C ASN A 1025 21.70 4.35 -17.62
N GLU A 1026 22.65 4.54 -18.53
CA GLU A 1026 23.38 3.41 -19.12
C GLU A 1026 23.97 2.49 -18.06
N LEU A 1027 24.39 3.07 -16.93
CA LEU A 1027 25.05 2.33 -15.86
C LEU A 1027 24.12 1.44 -15.01
N ASP A 1028 22.80 1.56 -15.16
CA ASP A 1028 21.86 0.62 -14.51
C ASP A 1028 20.49 0.51 -15.23
N ASP A 1029 20.35 -0.56 -16.01
CA ASP A 1029 19.17 -0.83 -16.83
C ASP A 1029 18.77 0.34 -17.72
N SER A 1030 19.21 0.29 -18.97
CA SER A 1030 18.98 1.34 -19.93
C SER A 1030 17.49 1.55 -20.25
N LEU A 1031 17.13 2.81 -20.45
CA LEU A 1031 15.79 3.20 -20.92
C LEU A 1031 16.01 3.88 -22.25
N LEU A 1032 15.26 3.46 -23.28
CA LEU A 1032 15.37 4.02 -24.64
C LEU A 1032 14.55 5.29 -24.80
N LEU A 1033 15.21 6.42 -25.04
CA LEU A 1033 14.54 7.69 -25.40
C LEU A 1033 14.26 7.69 -26.91
N VAL A 1034 13.04 8.09 -27.29
CA VAL A 1034 12.64 8.19 -28.71
C VAL A 1034 12.03 9.56 -28.95
N ALA A 1035 12.83 10.48 -29.47
CA ALA A 1035 12.33 11.79 -29.86
C ALA A 1035 11.70 11.70 -31.23
N SER A 1036 10.52 12.29 -31.34
CA SER A 1036 9.80 12.38 -32.61
C SER A 1036 10.09 13.77 -33.19
N CYS A 1037 9.99 13.90 -34.52
CA CYS A 1037 10.28 15.17 -35.20
C CYS A 1037 9.40 16.35 -34.77
N ASP A 1038 8.22 16.06 -34.21
CA ASP A 1038 7.38 17.11 -33.60
C ASP A 1038 7.81 17.51 -32.15
N GLY A 1039 8.93 16.99 -31.66
CA GLY A 1039 9.40 17.32 -30.32
C GLY A 1039 8.83 16.46 -29.20
N SER A 1040 8.03 15.45 -29.55
CA SER A 1040 7.54 14.48 -28.57
C SER A 1040 8.68 13.59 -28.15
N VAL A 1041 8.76 13.25 -26.86
CA VAL A 1041 9.87 12.47 -26.28
C VAL A 1041 9.30 11.34 -25.43
N ARG A 1042 9.59 10.10 -25.82
CA ARG A 1042 8.98 8.92 -25.22
C ARG A 1042 10.06 7.97 -24.75
N ILE A 1043 10.00 7.58 -23.49
CA ILE A 1043 11.05 6.80 -22.86
C ILE A 1043 10.49 5.44 -22.49
N TRP A 1044 11.19 4.40 -22.93
CA TRP A 1044 10.71 3.02 -22.83
C TRP A 1044 11.57 2.19 -21.90
N LYS A 1045 10.93 1.42 -21.02
CA LYS A 1045 11.61 0.41 -20.21
C LYS A 1045 11.53 -0.94 -20.92
N ASN A 1046 12.51 -1.80 -20.64
CA ASN A 1046 12.51 -3.19 -21.12
C ASN A 1046 12.37 -3.37 -22.64
N TYR A 1047 12.78 -2.36 -23.42
CA TYR A 1047 12.77 -2.44 -24.89
C TYR A 1047 13.46 -3.68 -25.46
N ALA A 1048 14.47 -4.18 -24.75
CA ALA A 1048 15.18 -5.39 -25.12
C ALA A 1048 14.42 -6.72 -24.94
N THR A 1049 13.28 -6.72 -24.24
CA THR A 1049 12.47 -7.94 -24.02
C THR A 1049 11.43 -8.14 -25.13
N LYS A 1050 11.23 -9.39 -25.55
CA LYS A 1050 10.47 -9.77 -26.77
C LYS A 1050 9.06 -9.21 -26.97
N GLY A 1051 8.42 -8.78 -25.89
CA GLY A 1051 7.12 -8.10 -25.95
C GLY A 1051 6.91 -7.03 -24.88
N LYS A 1052 7.31 -7.32 -23.65
CA LYS A 1052 7.09 -6.40 -22.51
C LYS A 1052 7.96 -5.16 -22.58
N GLN A 1053 7.36 -4.02 -22.94
CA GLN A 1053 8.09 -2.74 -22.96
C GLN A 1053 7.19 -1.53 -22.77
N LYS A 1054 7.19 -0.99 -21.55
CA LYS A 1054 6.24 0.05 -21.20
C LYS A 1054 6.78 1.46 -21.45
N LEU A 1055 5.90 2.36 -21.85
CA LEU A 1055 6.23 3.78 -21.90
C LEU A 1055 6.33 4.28 -20.47
N VAL A 1056 7.52 4.67 -20.05
CA VAL A 1056 7.75 5.18 -18.70
C VAL A 1056 7.23 6.60 -18.56
N THR A 1057 7.72 7.49 -19.41
CA THR A 1057 7.22 8.86 -19.48
C THR A 1057 7.26 9.34 -20.89
N GLY A 1058 6.34 10.23 -21.20
CA GLY A 1058 6.26 10.86 -22.50
C GLY A 1058 5.76 12.26 -22.30
N PHE A 1059 6.53 13.24 -22.75
CA PHE A 1059 6.13 14.64 -22.75
C PHE A 1059 6.42 15.24 -24.11
N SER A 1060 6.04 16.49 -24.30
CA SER A 1060 6.40 17.23 -25.51
C SER A 1060 7.31 18.41 -25.16
N SER A 1061 8.60 18.21 -25.41
CA SER A 1061 9.55 19.29 -25.50
C SER A 1061 9.15 20.13 -26.69
N ILE A 1062 9.55 21.40 -26.70
CA ILE A 1062 9.17 22.35 -27.79
C ILE A 1062 7.66 22.65 -27.77
N GLN A 1063 7.29 23.86 -27.35
CA GLN A 1063 5.90 24.25 -27.13
C GLN A 1063 5.56 25.60 -27.75
N LEU A 1072 8.77 21.52 -38.65
CA LEU A 1072 9.46 21.95 -37.42
C LEU A 1072 10.83 21.30 -37.19
N ASN A 1073 10.94 20.01 -37.50
CA ASN A 1073 12.21 19.27 -37.46
C ASN A 1073 12.95 19.37 -36.13
N ALA A 1074 12.40 18.68 -35.13
CA ALA A 1074 12.99 18.65 -33.79
C ALA A 1074 14.34 17.94 -33.78
N VAL A 1075 15.22 18.42 -32.92
CA VAL A 1075 16.51 17.81 -32.63
C VAL A 1075 16.59 17.78 -31.13
N VAL A 1076 17.20 16.74 -30.57
CA VAL A 1076 17.18 16.54 -29.15
C VAL A 1076 18.54 16.00 -28.71
N ASP A 1077 18.91 16.22 -27.44
CA ASP A 1077 20.10 15.58 -26.87
C ASP A 1077 20.01 15.42 -25.36
N TRP A 1078 20.50 14.29 -24.87
CA TRP A 1078 20.41 13.91 -23.45
C TRP A 1078 21.80 13.96 -22.82
N GLN A 1079 21.86 14.64 -21.68
CA GLN A 1079 23.11 14.83 -20.95
C GLN A 1079 22.94 14.21 -19.56
N GLN A 1080 23.31 12.93 -19.46
CA GLN A 1080 23.13 12.14 -18.23
C GLN A 1080 23.78 12.78 -17.00
N GLN A 1081 24.88 13.51 -17.22
CA GLN A 1081 25.60 14.23 -16.15
C GLN A 1081 24.69 15.14 -15.34
N SER A 1082 24.03 16.06 -16.03
CA SER A 1082 23.19 17.08 -15.40
C SER A 1082 21.72 16.64 -15.27
N GLY A 1083 21.37 15.54 -15.92
CA GLY A 1083 19.97 15.13 -16.05
C GLY A 1083 19.16 16.00 -17.00
N TYR A 1084 19.83 16.82 -17.82
CA TYR A 1084 19.13 17.74 -18.72
C TYR A 1084 18.82 17.06 -20.05
N LEU A 1085 17.64 17.35 -20.58
CA LEU A 1085 17.32 17.09 -21.97
C LEU A 1085 17.20 18.41 -22.73
N TYR A 1086 18.15 18.64 -23.63
CA TYR A 1086 18.15 19.83 -24.48
C TYR A 1086 17.34 19.46 -25.70
N ALA A 1087 16.53 20.40 -26.17
CA ALA A 1087 15.72 20.18 -27.36
C ALA A 1087 15.46 21.48 -28.09
N SER A 1088 15.47 21.42 -29.42
CA SER A 1088 15.07 22.54 -30.26
C SER A 1088 14.87 22.07 -31.70
N GLY A 1089 14.77 23.00 -32.63
CA GLY A 1089 14.69 22.65 -34.05
C GLY A 1089 14.58 23.92 -34.84
N GLU A 1090 13.49 24.06 -35.60
CA GLU A 1090 13.21 25.25 -36.39
C GLU A 1090 12.43 26.28 -35.53
N THR A 1091 13.06 26.69 -34.43
CA THR A 1091 12.49 27.63 -33.46
C THR A 1091 13.56 28.64 -33.07
N SER A 1092 13.13 29.78 -32.54
CA SER A 1092 14.04 30.77 -31.98
C SER A 1092 14.79 30.26 -30.73
N THR A 1093 14.17 29.33 -29.99
CA THR A 1093 14.67 28.91 -28.67
C THR A 1093 15.20 27.48 -28.59
N VAL A 1094 16.23 27.30 -27.76
CA VAL A 1094 16.66 26.00 -27.24
C VAL A 1094 15.96 25.84 -25.89
N THR A 1095 15.15 24.80 -25.77
CA THR A 1095 14.32 24.55 -24.60
C THR A 1095 15.02 23.50 -23.76
N LEU A 1096 15.10 23.75 -22.45
CA LEU A 1096 15.83 22.89 -21.51
C LEU A 1096 14.87 22.17 -20.58
N TRP A 1097 15.06 20.86 -20.42
CA TRP A 1097 14.23 20.04 -19.53
C TRP A 1097 15.10 19.36 -18.49
N ASP A 1098 14.69 19.45 -17.23
CA ASP A 1098 15.33 18.74 -16.12
C ASP A 1098 14.45 17.53 -15.84
N LEU A 1099 14.90 16.34 -16.26
CA LEU A 1099 14.13 15.09 -16.09
C LEU A 1099 14.08 14.50 -14.68
N GLU A 1100 14.91 14.99 -13.76
CA GLU A 1100 14.75 14.67 -12.34
C GLU A 1100 13.49 15.33 -11.78
N LYS A 1101 13.24 16.57 -12.22
CA LYS A 1101 12.05 17.32 -11.85
C LYS A 1101 10.90 17.14 -12.83
N GLU A 1102 11.19 16.69 -14.05
CA GLU A 1102 10.23 16.63 -15.17
C GLU A 1102 9.62 18.01 -15.48
N GLN A 1103 10.51 19.02 -15.51
CA GLN A 1103 10.13 20.43 -15.57
C GLN A 1103 10.92 21.17 -16.64
N LEU A 1104 10.25 22.07 -17.35
CA LEU A 1104 10.90 22.90 -18.36
C LEU A 1104 11.67 24.00 -17.64
N VAL A 1105 12.94 23.72 -17.36
CA VAL A 1105 13.78 24.59 -16.56
C VAL A 1105 14.13 25.92 -17.23
N ARG A 1106 14.33 25.93 -18.54
CA ARG A 1106 14.77 27.14 -19.22
C ARG A 1106 14.37 27.19 -20.69
N SER A 1107 14.04 28.39 -21.17
CA SER A 1107 14.08 28.69 -22.61
C SER A 1107 15.19 29.68 -22.92
N VAL A 1108 16.25 29.13 -23.52
CA VAL A 1108 17.38 29.90 -24.03
C VAL A 1108 17.05 30.33 -25.46
N PRO A 1109 17.09 31.64 -25.75
CA PRO A 1109 17.04 32.05 -27.15
C PRO A 1109 18.37 31.71 -27.83
N SER A 1110 18.31 31.04 -28.98
CA SER A 1110 19.51 30.64 -29.71
C SER A 1110 20.27 31.84 -30.26
N GLU A 1111 19.53 32.86 -30.70
CA GLU A 1111 20.06 34.05 -31.37
C GLU A 1111 20.74 33.69 -32.68
N SER A 1112 19.92 33.26 -33.63
CA SER A 1112 20.38 32.89 -34.99
C SER A 1112 19.48 33.37 -36.15
N GLU A 1113 18.16 33.37 -35.94
CA GLU A 1113 17.18 33.65 -37.00
C GLU A 1113 17.22 32.59 -38.11
N CYS A 1114 17.61 31.37 -37.74
CA CYS A 1114 17.47 30.20 -38.60
C CYS A 1114 17.53 28.92 -37.75
N GLY A 1115 17.27 27.79 -38.36
CA GLY A 1115 17.02 26.56 -37.62
C GLY A 1115 18.24 25.88 -37.01
N VAL A 1116 18.05 25.33 -35.82
CA VAL A 1116 19.02 24.41 -35.23
C VAL A 1116 18.87 23.08 -35.98
N THR A 1117 19.89 22.75 -36.75
CA THR A 1117 19.95 21.52 -37.52
C THR A 1117 20.55 20.36 -36.72
N ALA A 1118 21.52 20.69 -35.85
CA ALA A 1118 22.21 19.69 -35.04
C ALA A 1118 22.43 20.22 -33.64
N LEU A 1119 22.53 19.29 -32.70
CA LEU A 1119 22.53 19.62 -31.28
C LEU A 1119 23.30 18.55 -30.51
N SER A 1120 24.44 18.90 -29.92
CA SER A 1120 25.22 17.95 -29.10
C SER A 1120 25.44 18.53 -27.72
N ALA A 1121 25.27 17.69 -26.71
CA ALA A 1121 25.53 18.06 -25.33
C ALA A 1121 26.80 17.34 -24.94
N SER A 1122 27.69 18.05 -24.24
CA SER A 1122 28.92 17.44 -23.78
C SER A 1122 28.63 16.50 -22.61
N GLN A 1123 29.06 15.24 -22.74
CA GLN A 1123 28.97 14.26 -21.64
C GLN A 1123 29.86 14.63 -20.45
N VAL A 1124 31.02 15.22 -20.73
CA VAL A 1124 31.98 15.54 -19.69
C VAL A 1124 31.56 16.78 -18.90
N HIS A 1125 31.20 17.85 -19.60
CA HIS A 1125 30.92 19.15 -18.95
C HIS A 1125 29.42 19.42 -18.87
N GLY A 1126 28.85 19.19 -17.71
CA GLY A 1126 27.43 19.46 -17.47
C GLY A 1126 27.05 20.91 -17.73
N GLY A 1127 25.92 21.10 -18.43
CA GLY A 1127 25.43 22.43 -18.75
C GLY A 1127 25.85 22.93 -20.12
N GLN A 1128 27.04 22.55 -20.56
CA GLN A 1128 27.60 23.08 -21.81
C GLN A 1128 26.95 22.37 -23.01
N LEU A 1129 26.72 23.12 -24.09
CA LEU A 1129 25.95 22.65 -25.24
C LEU A 1129 26.50 23.21 -26.54
N ALA A 1130 26.55 22.37 -27.56
CA ALA A 1130 26.91 22.78 -28.93
C ALA A 1130 25.69 22.69 -29.84
N ALA A 1131 25.65 23.56 -30.85
CA ALA A 1131 24.49 23.65 -31.75
C ALA A 1131 24.92 24.04 -33.15
N GLY A 1132 24.57 23.18 -34.11
CA GLY A 1132 24.82 23.42 -35.53
C GLY A 1132 23.55 23.99 -36.11
N PHE A 1133 23.70 24.85 -37.13
CA PHE A 1133 22.58 25.62 -37.66
C PHE A 1133 22.38 25.44 -39.16
N ALA A 1134 21.19 25.85 -39.60
CA ALA A 1134 20.76 25.73 -40.99
C ALA A 1134 21.62 26.53 -41.97
N ASP A 1135 22.06 27.73 -41.54
CA ASP A 1135 22.93 28.59 -42.35
C ASP A 1135 24.42 28.22 -42.31
N GLY A 1136 24.77 27.09 -41.66
CA GLY A 1136 26.15 26.61 -41.54
C GLY A 1136 26.88 27.05 -40.28
N SER A 1137 26.17 27.81 -39.43
CA SER A 1137 26.77 28.44 -38.27
C SER A 1137 26.77 27.49 -37.09
N LEU A 1138 27.53 27.90 -36.08
CA LEU A 1138 27.88 27.06 -34.95
C LEU A 1138 27.87 27.88 -33.69
N ARG A 1139 27.34 27.33 -32.61
CA ARG A 1139 27.21 28.08 -31.36
C ARG A 1139 27.42 27.20 -30.13
N LEU A 1140 28.17 27.73 -29.18
CA LEU A 1140 28.23 27.17 -27.83
C LEU A 1140 27.26 27.87 -26.92
N TYR A 1141 26.74 27.10 -25.97
CA TYR A 1141 25.96 27.63 -24.87
C TYR A 1141 26.46 27.02 -23.58
N ASP A 1142 26.51 27.81 -22.52
CA ASP A 1142 26.58 27.26 -21.18
C ASP A 1142 25.21 27.55 -20.59
N VAL A 1143 24.37 26.51 -20.55
CA VAL A 1143 22.96 26.66 -20.24
C VAL A 1143 22.70 27.11 -18.77
N ARG A 1144 23.71 26.96 -17.91
CA ARG A 1144 23.66 27.41 -16.50
C ARG A 1144 24.15 28.85 -16.27
N SER A 1145 24.46 29.57 -17.35
CA SER A 1145 24.94 30.97 -17.27
C SER A 1145 23.78 31.97 -17.43
N PRO A 1146 23.87 33.18 -16.83
CA PRO A 1146 22.82 34.18 -17.05
C PRO A 1146 22.70 34.61 -18.51
N GLU A 1147 23.84 34.91 -19.16
CA GLU A 1147 23.92 34.97 -20.62
C GLU A 1147 24.40 33.58 -21.13
N PRO A 1148 23.52 32.80 -21.80
CA PRO A 1148 23.87 31.41 -22.14
C PRO A 1148 24.74 31.20 -23.38
N LEU A 1149 24.67 32.09 -24.37
CA LEU A 1149 25.50 31.97 -25.58
C LEU A 1149 26.94 32.33 -25.24
N VAL A 1150 27.84 31.36 -25.38
CA VAL A 1150 29.24 31.54 -25.03
C VAL A 1150 29.93 32.23 -26.19
N CYS A 1151 29.85 31.61 -27.36
CA CYS A 1151 30.43 32.14 -28.59
C CYS A 1151 29.66 31.61 -29.79
N ALA A 1152 29.86 32.25 -30.93
CA ALA A 1152 29.13 31.90 -32.14
C ALA A 1152 30.06 32.07 -33.32
N THR A 1153 30.38 30.95 -33.98
CA THR A 1153 31.41 30.92 -34.99
C THR A 1153 30.85 30.37 -36.31
N ARG A 1154 31.35 30.87 -37.44
CA ARG A 1154 30.98 30.36 -38.78
C ARG A 1154 31.49 28.94 -39.14
N PRO A 1155 32.82 28.69 -39.16
CA PRO A 1155 33.48 27.49 -39.65
C PRO A 1155 32.76 26.59 -40.64
N HIS A 1156 33.51 26.22 -41.67
CA HIS A 1156 33.02 25.98 -43.04
C HIS A 1156 32.13 27.08 -43.61
N GLN A 1157 32.31 27.32 -44.90
CA GLN A 1157 31.86 28.54 -45.53
C GLN A 1157 31.16 28.21 -46.84
N LYS A 1158 30.07 27.44 -46.72
CA LYS A 1158 29.22 27.13 -47.86
C LYS A 1158 27.80 27.70 -47.78
N VAL A 1159 27.33 28.03 -46.56
CA VAL A 1159 25.93 28.40 -46.29
C VAL A 1159 24.98 27.21 -46.55
N GLU A 1160 25.46 26.00 -46.27
CA GLU A 1160 24.62 24.79 -46.23
C GLU A 1160 24.51 24.38 -44.76
N ARG A 1161 23.56 23.52 -44.45
CA ARG A 1161 23.23 23.24 -43.06
C ARG A 1161 24.21 22.28 -42.38
N VAL A 1162 24.32 22.42 -41.06
CA VAL A 1162 25.18 21.57 -40.24
C VAL A 1162 24.45 20.26 -39.96
N VAL A 1163 24.62 19.31 -40.89
CA VAL A 1163 24.06 17.94 -40.77
C VAL A 1163 24.30 17.30 -39.40
N GLY A 1164 25.55 17.33 -38.95
CA GLY A 1164 25.93 16.76 -37.66
C GLY A 1164 27.06 17.51 -37.00
N LEU A 1165 27.14 17.35 -35.67
CA LEU A 1165 28.25 17.87 -34.85
C LEU A 1165 28.38 17.12 -33.51
N SER A 1166 29.56 17.22 -32.88
CA SER A 1166 29.78 16.71 -31.51
C SER A 1166 31.09 17.21 -30.91
N PHE A 1167 31.17 17.14 -29.58
CA PHE A 1167 32.41 17.48 -28.87
C PHE A 1167 33.50 16.41 -29.10
N GLN A 1168 34.75 16.85 -29.18
CA GLN A 1168 35.86 15.94 -29.45
C GLN A 1168 35.96 14.92 -28.32
N PRO A 1169 36.25 13.65 -28.65
CA PRO A 1169 36.41 12.66 -27.60
C PRO A 1169 37.55 13.08 -26.67
N GLY A 1170 37.19 13.60 -25.50
CA GLY A 1170 38.17 14.09 -24.53
C GLY A 1170 37.56 14.75 -23.32
N LEU A 1171 38.38 15.49 -22.58
CA LEU A 1171 38.00 16.15 -21.33
C LEU A 1171 38.08 17.69 -21.39
N ASP A 1172 37.94 18.25 -22.59
CA ASP A 1172 38.07 19.70 -22.83
C ASP A 1172 36.81 20.24 -23.54
N PRO A 1173 36.73 21.57 -23.78
CA PRO A 1173 35.69 22.12 -24.70
C PRO A 1173 36.16 22.39 -26.16
N ALA A 1174 36.85 21.41 -26.75
CA ALA A 1174 37.18 21.37 -28.18
C ALA A 1174 36.10 20.57 -28.92
N LYS A 1175 36.11 20.63 -30.25
CA LYS A 1175 34.97 20.14 -31.04
C LYS A 1175 35.32 19.60 -32.42
N VAL A 1176 34.94 18.35 -32.70
CA VAL A 1176 35.04 17.75 -34.04
C VAL A 1176 34.06 18.55 -34.85
N VAL A 1177 32.77 18.26 -34.70
CA VAL A 1177 31.73 19.18 -35.09
C VAL A 1177 31.75 19.44 -36.58
N SER A 1178 30.70 20.10 -37.02
CA SER A 1178 30.68 20.80 -38.28
C SER A 1178 31.18 19.91 -39.38
N ALA A 1179 30.50 18.77 -39.50
CA ALA A 1179 30.27 18.20 -40.80
C ALA A 1179 29.13 19.07 -41.34
N SER A 1180 29.39 19.74 -42.45
CA SER A 1180 28.36 20.44 -43.21
C SER A 1180 27.89 19.53 -44.31
N GLN A 1181 26.67 19.74 -44.77
CA GLN A 1181 26.13 19.03 -45.94
C GLN A 1181 26.95 19.35 -47.20
N ALA A 1182 27.59 20.51 -47.17
CA ALA A 1182 28.66 20.89 -48.10
C ALA A 1182 29.72 19.81 -48.32
N GLY A 1183 30.07 19.08 -47.26
CA GLY A 1183 31.01 17.97 -47.33
C GLY A 1183 32.22 18.08 -46.42
N ASP A 1184 32.51 19.28 -45.93
CA ASP A 1184 33.69 19.51 -45.07
C ASP A 1184 33.41 19.18 -43.61
N ILE A 1185 34.30 18.42 -42.98
CA ILE A 1185 34.28 18.16 -41.53
C ILE A 1185 35.38 19.01 -40.90
N GLN A 1186 34.99 20.13 -40.30
CA GLN A 1186 35.92 21.12 -39.77
C GLN A 1186 36.11 20.86 -38.28
N PHE A 1187 37.35 20.70 -37.86
CA PHE A 1187 37.69 20.57 -36.43
C PHE A 1187 37.96 21.98 -35.90
N LEU A 1188 37.69 22.19 -34.61
CA LEU A 1188 38.08 23.45 -33.96
C LEU A 1188 38.14 23.38 -32.43
N ASP A 1189 39.14 24.06 -31.87
CA ASP A 1189 39.28 24.29 -30.43
C ASP A 1189 38.83 25.72 -30.16
N LEU A 1190 37.86 25.89 -29.26
CA LEU A 1190 37.23 27.19 -29.01
C LEU A 1190 37.81 27.96 -27.82
N ARG A 1191 38.73 27.36 -27.04
CA ARG A 1191 39.47 28.11 -26.02
C ARG A 1191 40.44 29.13 -26.65
N THR A 1192 40.98 28.82 -27.83
CA THR A 1192 42.07 29.58 -28.43
C THR A 1192 41.68 30.49 -29.59
N THR A 1193 40.98 29.94 -30.59
CA THR A 1193 40.73 30.66 -31.86
C THR A 1193 39.43 30.26 -32.55
N ARG A 1194 38.91 31.16 -33.38
CA ARG A 1194 37.63 30.97 -34.07
C ARG A 1194 37.68 29.98 -35.23
N ASP A 1195 38.70 30.12 -36.06
CA ASP A 1195 38.82 29.37 -37.32
C ASP A 1195 39.33 27.95 -37.05
N THR A 1196 39.40 27.14 -38.09
CA THR A 1196 39.49 25.69 -37.95
C THR A 1196 40.90 25.12 -37.75
N TYR A 1197 41.12 24.65 -36.52
CA TYR A 1197 42.13 23.65 -36.13
C TYR A 1197 42.58 22.68 -37.24
N LEU A 1198 41.61 22.09 -37.94
CA LEU A 1198 41.87 21.13 -39.02
C LEU A 1198 40.63 20.99 -39.92
N THR A 1199 40.85 20.93 -41.23
CA THR A 1199 39.80 20.70 -42.21
C THR A 1199 40.01 19.34 -42.87
N ILE A 1200 38.93 18.58 -43.03
CA ILE A 1200 38.94 17.41 -43.92
C ILE A 1200 37.75 17.49 -44.88
N ASP A 1201 38.02 17.24 -46.16
CA ASP A 1201 37.01 17.28 -47.21
C ASP A 1201 36.56 15.85 -47.44
N ALA A 1202 35.61 15.41 -46.63
CA ALA A 1202 35.11 14.05 -46.72
C ALA A 1202 34.43 13.78 -48.06
N HIS A 1203 33.54 14.68 -48.48
CA HIS A 1203 32.70 14.44 -49.65
C HIS A 1203 32.50 15.70 -50.50
N ARG A 1204 32.49 15.54 -51.83
CA ARG A 1204 32.02 16.61 -52.73
C ARG A 1204 30.50 16.69 -52.59
N GLY A 1205 30.04 17.49 -51.64
CA GLY A 1205 28.62 17.70 -51.43
C GLY A 1205 27.90 16.53 -50.79
N SER A 1206 26.68 16.81 -50.32
CA SER A 1206 25.73 15.79 -49.88
C SER A 1206 26.21 14.95 -48.71
N LEU A 1207 26.81 15.60 -47.73
CA LEU A 1207 27.10 14.96 -46.45
C LEU A 1207 25.77 14.74 -45.71
N THR A 1208 25.44 13.47 -45.53
CA THR A 1208 24.16 13.03 -45.01
C THR A 1208 24.23 12.61 -43.54
N ALA A 1209 25.40 12.16 -43.09
CA ALA A 1209 25.62 11.91 -41.66
C ALA A 1209 27.08 11.90 -41.23
N LEU A 1210 27.27 12.14 -39.94
CA LEU A 1210 28.56 12.14 -39.27
C LEU A 1210 28.42 11.30 -38.01
N ALA A 1211 29.49 10.57 -37.69
CA ALA A 1211 29.61 9.86 -36.43
C ALA A 1211 30.96 10.24 -35.85
N VAL A 1212 30.93 10.75 -34.62
CA VAL A 1212 32.14 10.98 -33.84
C VAL A 1212 32.12 9.96 -32.72
N HIS A 1213 33.29 9.45 -32.36
CA HIS A 1213 33.38 8.49 -31.29
C HIS A 1213 33.32 9.24 -29.94
N ARG A 1214 33.01 8.52 -28.87
CA ARG A 1214 33.01 9.08 -27.52
C ARG A 1214 34.39 9.16 -26.84
N HIS A 1215 35.22 8.13 -26.98
CA HIS A 1215 36.55 8.09 -26.35
C HIS A 1215 37.72 7.83 -27.30
N ALA A 1216 37.54 6.88 -28.22
CA ALA A 1216 38.54 6.58 -29.26
C ALA A 1216 38.74 7.77 -30.19
N PRO A 1217 40.02 8.09 -30.53
CA PRO A 1217 40.27 9.19 -31.46
C PRO A 1217 39.96 8.77 -32.89
N ILE A 1218 38.67 8.85 -33.25
CA ILE A 1218 38.20 8.36 -34.55
C ILE A 1218 36.83 8.96 -34.90
N ILE A 1219 36.64 9.24 -36.19
CA ILE A 1219 35.34 9.68 -36.71
C ILE A 1219 35.00 9.00 -38.01
N ALA A 1220 33.74 9.13 -38.44
CA ALA A 1220 33.30 8.66 -39.75
C ALA A 1220 32.16 9.52 -40.31
N SER A 1221 32.11 9.62 -41.64
CA SER A 1221 31.08 10.39 -42.33
C SER A 1221 30.45 9.59 -43.46
N GLY A 1222 29.21 9.96 -43.78
CA GLY A 1222 28.41 9.29 -44.80
C GLY A 1222 27.98 10.29 -45.87
N SER A 1223 27.84 9.79 -47.09
CA SER A 1223 27.46 10.58 -48.26
C SER A 1223 26.10 10.08 -48.80
N ALA A 1224 25.42 10.95 -49.53
CA ALA A 1224 24.28 10.53 -50.35
C ALA A 1224 24.72 9.90 -51.69
N LYS A 1225 26.03 9.87 -51.94
CA LYS A 1225 26.60 9.09 -53.04
C LYS A 1225 27.02 7.69 -52.58
N GLN A 1226 26.15 7.03 -51.81
CA GLN A 1226 26.34 5.63 -51.37
C GLN A 1226 27.45 5.38 -50.36
N LEU A 1227 28.21 6.41 -50.00
CA LEU A 1227 29.60 6.26 -49.56
C LEU A 1227 29.76 6.53 -48.07
N ILE A 1228 30.65 5.77 -47.42
CA ILE A 1228 31.05 6.04 -46.02
C ILE A 1228 32.57 6.16 -45.96
N LYS A 1229 33.05 7.05 -45.10
CA LYS A 1229 34.48 7.29 -44.90
C LYS A 1229 34.79 7.39 -43.42
N VAL A 1230 35.96 6.89 -43.04
CA VAL A 1230 36.43 6.90 -41.65
C VAL A 1230 37.75 7.65 -41.60
N PHE A 1231 37.90 8.49 -40.57
CA PHE A 1231 39.11 9.27 -40.38
C PHE A 1231 39.60 9.19 -38.93
N SER A 1232 40.91 9.10 -38.78
CA SER A 1232 41.58 9.40 -37.51
C SER A 1232 41.19 10.83 -37.07
N LEU A 1233 41.44 11.12 -35.80
CA LEU A 1233 41.10 12.44 -35.27
C LEU A 1233 42.03 13.51 -35.85
N GLN A 1234 43.25 13.12 -36.21
CA GLN A 1234 44.18 14.01 -36.92
C GLN A 1234 43.78 14.11 -38.38
N GLY A 1235 43.15 13.05 -38.89
CA GLY A 1235 42.46 13.08 -40.18
C GLY A 1235 43.17 12.26 -41.23
N GLU A 1236 43.28 10.95 -40.97
CA GLU A 1236 43.84 10.01 -41.95
C GLU A 1236 42.71 9.06 -42.39
N GLN A 1237 42.60 8.85 -43.71
CA GLN A 1237 41.64 7.88 -44.26
C GLN A 1237 41.87 6.49 -43.66
N LEU A 1238 41.18 6.20 -42.56
CA LEU A 1238 41.25 4.86 -41.94
C LEU A 1238 40.52 3.80 -42.78
N GLY A 1239 39.47 4.21 -43.47
CA GLY A 1239 38.79 3.30 -44.40
C GLY A 1239 37.57 3.88 -45.07
N ILE A 1240 37.34 3.45 -46.31
CA ILE A 1240 36.14 3.77 -47.08
C ILE A 1240 35.22 2.52 -47.07
N ILE A 1241 33.91 2.76 -47.14
CA ILE A 1241 32.91 1.72 -47.38
C ILE A 1241 31.94 2.24 -48.44
N ARG A 1242 31.35 1.34 -49.22
CA ARG A 1242 30.32 1.69 -50.21
C ARG A 1242 29.14 0.73 -50.21
N TYR A 1243 28.19 1.04 -49.33
CA TYR A 1243 26.80 0.59 -49.40
C TYR A 1243 26.34 0.61 -50.88
N TYR A 1244 26.13 -0.56 -51.47
CA TYR A 1244 25.59 -0.67 -52.84
C TYR A 1244 24.08 -0.86 -52.76
N PRO A 1245 23.34 -0.41 -53.79
CA PRO A 1245 21.92 -0.65 -53.81
C PRO A 1245 21.57 -2.09 -54.20
N SER A 1246 20.45 -2.58 -53.66
CA SER A 1246 19.98 -3.95 -53.87
C SER A 1246 19.10 -4.11 -55.11
N PHE A 1247 18.53 -3.01 -55.59
CA PHE A 1247 17.96 -2.94 -56.95
C PHE A 1247 18.30 -1.57 -57.54
N MET A 1248 17.95 -1.32 -58.81
CA MET A 1248 18.39 -0.07 -59.49
C MET A 1248 17.50 1.16 -59.25
N ALA A 1249 17.12 1.39 -57.99
CA ALA A 1249 16.57 2.67 -57.53
C ALA A 1249 17.61 3.77 -57.64
N GLN A 1250 18.88 3.42 -57.39
CA GLN A 1250 20.00 4.38 -57.29
C GLN A 1250 19.70 5.45 -56.23
N LYS A 1251 19.18 5.00 -55.10
CA LYS A 1251 18.79 5.85 -53.98
C LYS A 1251 19.33 5.28 -52.68
N ILE A 1252 20.66 5.28 -52.58
CA ILE A 1252 21.38 5.14 -51.32
C ILE A 1252 21.82 6.58 -50.96
N GLY A 1253 20.86 7.49 -51.04
CA GLY A 1253 21.10 8.92 -50.94
C GLY A 1253 20.75 9.48 -49.58
N SER A 1254 20.56 8.61 -48.59
CA SER A 1254 20.27 9.01 -47.24
C SER A 1254 20.97 8.01 -46.29
N VAL A 1255 22.30 7.92 -46.44
CA VAL A 1255 23.14 7.16 -45.50
C VAL A 1255 22.96 7.85 -44.14
N SER A 1256 21.81 7.60 -43.54
CA SER A 1256 21.26 8.47 -42.52
C SER A 1256 21.82 8.18 -41.15
N CYS A 1257 21.97 6.92 -40.82
CA CYS A 1257 22.58 6.53 -39.56
C CYS A 1257 24.05 6.09 -39.73
N LEU A 1258 24.94 6.79 -39.04
CA LEU A 1258 26.27 6.30 -38.68
C LEU A 1258 26.38 6.49 -37.18
N THR A 1259 26.88 5.50 -36.48
CA THR A 1259 27.01 5.59 -35.03
C THR A 1259 28.02 4.57 -34.52
N PHE A 1260 28.94 5.04 -33.67
CA PHE A 1260 29.96 4.19 -33.08
C PHE A 1260 29.44 3.53 -31.83
N HIS A 1261 30.14 2.47 -31.41
CA HIS A 1261 29.95 1.89 -30.09
C HIS A 1261 30.53 2.89 -29.09
N PRO A 1262 29.96 2.97 -27.88
CA PRO A 1262 30.46 3.95 -26.92
C PRO A 1262 31.68 3.51 -26.09
N TYR A 1263 32.12 2.26 -26.26
CA TYR A 1263 33.33 1.75 -25.59
C TYR A 1263 34.27 0.89 -26.46
N GLN A 1264 33.96 0.75 -27.74
CA GLN A 1264 34.74 -0.09 -28.65
C GLN A 1264 34.74 0.59 -30.01
N VAL A 1265 35.51 0.07 -30.96
CA VAL A 1265 35.58 0.66 -32.31
C VAL A 1265 34.75 -0.18 -33.29
N LEU A 1266 33.44 -0.15 -33.09
CA LEU A 1266 32.46 -0.77 -33.99
C LEU A 1266 31.73 0.36 -34.69
N LEU A 1267 31.34 0.12 -35.93
CA LEU A 1267 30.61 1.12 -36.71
C LEU A 1267 29.32 0.52 -37.30
N ALA A 1268 28.16 1.01 -36.86
CA ALA A 1268 26.87 0.66 -37.48
C ALA A 1268 26.52 1.68 -38.58
N ALA A 1269 25.83 1.24 -39.64
CA ALA A 1269 25.52 2.13 -40.78
C ALA A 1269 24.30 1.73 -41.61
N GLY A 1270 23.46 2.72 -41.93
CA GLY A 1270 22.13 2.50 -42.54
C GLY A 1270 21.53 3.63 -43.38
N ALA A 1271 20.85 3.26 -44.46
CA ALA A 1271 20.59 4.15 -45.59
C ALA A 1271 19.10 4.31 -45.93
N ALA A 1272 18.82 4.88 -47.11
CA ALA A 1272 17.50 4.84 -47.74
C ALA A 1272 17.31 3.58 -48.59
N ASP A 1273 17.59 2.42 -47.99
CA ASP A 1273 17.41 1.11 -48.62
C ASP A 1273 16.66 0.22 -47.61
N SER A 1274 17.30 -0.79 -47.01
CA SER A 1274 16.67 -1.56 -45.92
C SER A 1274 17.66 -2.42 -45.12
N PHE A 1275 18.90 -1.95 -44.95
CA PHE A 1275 19.95 -2.75 -44.32
C PHE A 1275 20.72 -1.95 -43.26
N VAL A 1276 21.15 -2.64 -42.20
CA VAL A 1276 21.99 -2.06 -41.13
C VAL A 1276 23.21 -2.94 -40.92
N SER A 1277 24.33 -2.50 -41.51
CA SER A 1277 25.58 -3.25 -41.52
C SER A 1277 26.57 -2.75 -40.47
N ILE A 1278 27.20 -3.69 -39.76
CA ILE A 1278 28.16 -3.37 -38.70
C ILE A 1278 29.57 -3.76 -39.15
N TYR A 1279 30.55 -2.90 -38.83
CA TYR A 1279 31.95 -3.13 -39.17
C TYR A 1279 32.83 -3.06 -37.92
N THR A 1280 34.12 -3.35 -38.08
CA THR A 1280 35.11 -3.20 -37.01
C THR A 1280 36.53 -2.96 -37.59
N HIS A 1281 37.56 -2.95 -36.74
CA HIS A 1281 38.95 -2.64 -37.16
C HIS A 1281 39.91 -3.80 -36.91
N ASP A 1282 39.46 -5.02 -37.25
CA ASP A 1282 40.15 -6.30 -37.00
C ASP A 1282 41.00 -6.37 -35.73
N GLY B 3 -17.99 -1.66 19.71
CA GLY B 3 -16.63 -1.60 20.32
C GLY B 3 -16.59 -1.81 21.82
N GLY B 4 -16.44 -3.07 22.24
CA GLY B 4 -16.40 -3.43 23.66
C GLY B 4 -15.91 -4.84 23.94
N LEU B 5 -16.63 -5.54 24.83
CA LEU B 5 -16.29 -6.88 25.37
C LEU B 5 -15.35 -6.87 26.59
N PHE B 6 -14.13 -6.32 26.43
CA PHE B 6 -13.19 -6.09 27.55
C PHE B 6 -13.19 -4.61 27.95
N VAL B 7 -13.28 -4.35 29.26
CA VAL B 7 -13.36 -2.99 29.81
C VAL B 7 -11.97 -2.33 29.74
N MET B 8 -11.97 -1.00 29.61
CA MET B 8 -10.74 -0.19 29.69
C MET B 8 -10.94 0.85 30.78
N ASP B 9 -9.87 1.13 31.53
CA ASP B 9 -9.97 2.01 32.70
C ASP B 9 -10.01 3.49 32.30
N GLU B 10 -11.16 4.13 32.56
CA GLU B 10 -11.33 5.57 32.39
C GLU B 10 -12.43 6.12 33.30
#